data_7E5Q
#
_entry.id   7E5Q
#
_cell.length_a   40.855
_cell.length_b   117.342
_cell.length_c   135.441
_cell.angle_alpha   90.000
_cell.angle_beta   90.000
_cell.angle_gamma   90.000
#
_symmetry.space_group_name_H-M   'P 21 21 21'
#
loop_
_entity.id
_entity.type
_entity.pdbx_description
1 polymer Deferrochelatase/peroxidase
2 non-polymer 'PROTOPORPHYRIN IX CONTAINING FE'
3 non-polymer 'OXYGEN MOLECULE'
4 non-polymer 1,2-ETHANEDIOL
5 non-polymer 'CITRIC ACID'
6 non-polymer DI(HYDROXYETHYL)ETHER
7 non-polymer 'SODIUM ION'
8 non-polymer 'CHLORIDE ION'
9 non-polymer GLYCEROL
10 water water
#
_entity_poly.entity_id   1
_entity_poly.type   'polypeptide(L)'
_entity_poly.pdbx_seq_one_letter_code
;MEEQIVPFYGKHQAGITTAHQTYVYFAALDVTAKEKSDIITLFRNWTSLTQMLTSGKKMSAEQRNQYLPPQDTGESADLS
PSNLTVTFGFGPSFFEKDGKDRFGLKSKKPKHLAALPAMPNDNLDEKQGGGDICIQVCADDEQVAFHALRNLLNQAVGTC
EVRFVNKGFLSGGKNGETPRNLFGFKDGTGNQSTEDDSLMNSIVWVQSGEPDWMTGGTYMAFRKIKMFLEIWDRSSLKDQ
EDTFGRRKSSGAPFGQKKETDPVKLNQIPSNSHVSLAKSTGKQILRRAFSYTEGLDPKTGYMDAGLLFISFQKNPDNQFI
PMLKALSAKDALNEYTQTIGSALYACPGGCKKGEYIAQRLLES
;
_entity_poly.pdbx_strand_id   A,B
#
# COMPACT_ATOMS: atom_id res chain seq x y z
N MET A 1 14.88 20.05 -1.55
CA MET A 1 13.99 19.98 -2.70
C MET A 1 13.12 21.24 -2.81
N GLU A 2 12.58 21.50 -4.00
CA GLU A 2 11.62 22.58 -4.16
C GLU A 2 10.26 22.15 -3.62
N GLU A 3 9.33 23.10 -3.56
CA GLU A 3 7.96 22.80 -3.19
C GLU A 3 7.36 21.72 -4.09
N GLN A 4 6.80 20.69 -3.47
CA GLN A 4 6.21 19.58 -4.21
C GLN A 4 4.70 19.77 -4.30
N ILE A 5 4.30 20.80 -5.05
CA ILE A 5 2.89 21.17 -5.20
C ILE A 5 2.54 21.18 -6.67
N VAL A 6 1.38 20.63 -7.01
CA VAL A 6 0.85 20.66 -8.37
C VAL A 6 -0.34 21.59 -8.39
N PRO A 7 -0.42 22.54 -9.33
CA PRO A 7 -1.54 23.48 -9.36
C PRO A 7 -2.88 22.76 -9.45
N PHE A 8 -3.83 23.21 -8.63
CA PHE A 8 -5.15 22.59 -8.59
C PHE A 8 -6.11 23.27 -9.58
N TYR A 9 -6.07 24.60 -9.65
CA TYR A 9 -6.90 25.35 -10.58
C TYR A 9 -6.21 25.50 -11.93
N GLY A 10 -6.96 25.34 -13.01
CA GLY A 10 -6.40 25.57 -14.31
C GLY A 10 -7.37 25.17 -15.40
N LYS A 11 -6.87 25.26 -16.63
CA LYS A 11 -7.62 24.83 -17.80
C LYS A 11 -8.03 23.36 -17.70
N HIS A 12 -7.20 22.54 -17.05
CA HIS A 12 -7.46 21.12 -16.89
C HIS A 12 -7.43 20.73 -15.43
N GLN A 13 -8.05 19.60 -15.13
CA GLN A 13 -7.81 18.95 -13.86
C GLN A 13 -6.41 18.37 -13.84
N ALA A 14 -5.76 18.52 -12.69
CA ALA A 14 -4.49 17.86 -12.43
C ALA A 14 -4.72 16.36 -12.27
N GLY A 15 -3.62 15.61 -12.23
CA GLY A 15 -3.69 14.18 -12.09
C GLY A 15 -3.83 13.40 -13.38
N ILE A 16 -3.77 14.07 -14.53
CA ILE A 16 -4.03 13.42 -15.80
C ILE A 16 -2.75 13.45 -16.64
N THR A 17 -2.31 14.64 -17.05
CA THR A 17 -0.99 14.79 -17.65
C THR A 17 0.04 15.23 -16.63
N THR A 18 -0.36 15.46 -15.39
CA THR A 18 0.60 15.61 -14.31
C THR A 18 1.56 14.42 -14.32
N ALA A 19 2.83 14.69 -14.02
CA ALA A 19 3.80 13.61 -13.90
C ALA A 19 3.32 12.58 -12.89
N HIS A 20 3.56 11.32 -13.22
CA HIS A 20 3.03 10.19 -12.48
C HIS A 20 3.66 10.13 -11.08
N GLN A 21 2.84 10.30 -10.03
CA GLN A 21 3.32 10.17 -8.67
C GLN A 21 3.45 8.69 -8.28
N THR A 22 3.98 8.43 -7.09
CA THR A 22 4.27 7.05 -6.73
C THR A 22 3.05 6.30 -6.20
N TYR A 23 2.09 7.01 -5.57
CA TYR A 23 1.00 6.35 -4.85
C TYR A 23 -0.35 6.87 -5.30
N VAL A 24 -1.35 6.00 -5.24
CA VAL A 24 -2.72 6.37 -5.59
C VAL A 24 -3.69 5.77 -4.56
N TYR A 25 -4.71 6.55 -4.20
CA TYR A 25 -5.97 6.02 -3.69
C TYR A 25 -7.05 6.34 -4.71
N PHE A 26 -7.82 5.32 -5.09
CA PHE A 26 -8.85 5.44 -6.10
C PHE A 26 -10.17 4.99 -5.49
N ALA A 27 -11.14 5.90 -5.39
CA ALA A 27 -12.42 5.60 -4.76
C ALA A 27 -13.57 5.91 -5.72
N ALA A 28 -14.60 5.06 -5.68
CA ALA A 28 -15.86 5.34 -6.35
C ALA A 28 -16.95 5.51 -5.31
N LEU A 29 -17.85 6.46 -5.57
CA LEU A 29 -18.93 6.77 -4.65
C LEU A 29 -20.23 6.74 -5.42
N ASP A 30 -21.29 6.36 -4.72
CA ASP A 30 -22.65 6.51 -5.24
C ASP A 30 -23.37 7.58 -4.46
N VAL A 31 -24.08 8.46 -5.17
CA VAL A 31 -24.89 9.49 -4.54
C VAL A 31 -26.19 8.85 -4.05
N THR A 32 -26.46 8.99 -2.76
CA THR A 32 -27.72 8.54 -2.20
C THR A 32 -28.70 9.68 -1.98
N ALA A 33 -28.21 10.92 -1.89
CA ALA A 33 -29.10 12.06 -1.84
C ALA A 33 -29.89 12.17 -3.14
N LYS A 34 -31.09 12.71 -3.04
CA LYS A 34 -31.97 12.79 -4.19
C LYS A 34 -32.06 14.21 -4.77
N GLU A 35 -31.39 15.18 -4.16
CA GLU A 35 -31.47 16.58 -4.56
C GLU A 35 -30.13 17.05 -5.10
N LYS A 36 -30.17 17.73 -6.26
CA LYS A 36 -28.94 18.24 -6.87
C LYS A 36 -28.25 19.29 -5.99
N SER A 37 -29.02 20.01 -5.16
CA SER A 37 -28.39 21.01 -4.29
C SER A 37 -27.39 20.37 -3.34
N ASP A 38 -27.66 19.16 -2.88
CA ASP A 38 -26.72 18.46 -2.00
C ASP A 38 -25.42 18.14 -2.74
N ILE A 39 -25.52 17.83 -4.03
CA ILE A 39 -24.32 17.56 -4.81
C ILE A 39 -23.55 18.84 -5.08
N ILE A 40 -24.25 19.95 -5.24
CA ILE A 40 -23.57 21.23 -5.44
C ILE A 40 -22.73 21.57 -4.22
N THR A 41 -23.35 21.49 -3.04
CA THR A 41 -22.62 21.69 -1.79
C THR A 41 -21.43 20.75 -1.68
N LEU A 42 -21.62 19.50 -2.06
CA LEU A 42 -20.50 18.54 -2.03
C LEU A 42 -19.33 19.03 -2.85
N PHE A 43 -19.60 19.43 -4.10
CA PHE A 43 -18.51 19.79 -5.00
C PHE A 43 -17.88 21.13 -4.65
N ARG A 44 -18.63 22.07 -4.09
CA ARG A 44 -17.93 23.27 -3.63
C ARG A 44 -17.18 22.99 -2.33
N ASN A 45 -17.70 22.13 -1.45
CA ASN A 45 -16.92 21.75 -0.29
C ASN A 45 -15.68 20.93 -0.71
N TRP A 46 -15.83 20.08 -1.72
CA TRP A 46 -14.68 19.32 -2.20
C TRP A 46 -13.64 20.24 -2.83
N THR A 47 -14.11 21.27 -3.54
CA THR A 47 -13.20 22.17 -4.23
C THR A 47 -12.34 22.95 -3.25
N SER A 48 -12.98 23.59 -2.26
CA SER A 48 -12.22 24.32 -1.26
C SER A 48 -11.24 23.42 -0.51
N LEU A 49 -11.69 22.24 -0.10
CA LEU A 49 -10.81 21.31 0.62
C LEU A 49 -9.64 20.87 -0.27
N THR A 50 -9.93 20.51 -1.52
CA THR A 50 -8.87 20.05 -2.40
C THR A 50 -7.87 21.17 -2.66
N GLN A 51 -8.35 22.39 -2.81
CA GLN A 51 -7.44 23.54 -2.93
C GLN A 51 -6.53 23.64 -1.70
N MET A 52 -7.10 23.41 -0.50
CA MET A 52 -6.27 23.43 0.71
C MET A 52 -5.31 22.26 0.75
N LEU A 53 -5.79 21.06 0.41
CA LEU A 53 -4.95 19.87 0.50
C LEU A 53 -3.78 19.94 -0.46
N THR A 54 -4.01 20.40 -1.68
CA THR A 54 -2.96 20.40 -2.68
C THR A 54 -1.98 21.57 -2.51
N SER A 55 -2.32 22.58 -1.73
CA SER A 55 -1.47 23.76 -1.63
C SER A 55 -0.34 23.60 -0.60
N ARG A 64 -10.70 26.18 17.28
CA ARG A 64 -10.18 26.57 18.60
C ARG A 64 -11.11 26.13 19.72
N ASN A 65 -12.12 25.33 19.40
CA ASN A 65 -13.06 24.82 20.40
C ASN A 65 -12.82 23.32 20.60
N GLN A 66 -12.26 22.98 21.77
CA GLN A 66 -11.80 21.64 22.14
C GLN A 66 -12.94 20.66 22.36
N TYR A 67 -14.18 21.12 22.47
CA TYR A 67 -15.33 20.23 22.64
C TYR A 67 -15.94 19.85 21.30
N LEU A 68 -15.37 20.34 20.19
CA LEU A 68 -15.71 20.03 18.82
C LEU A 68 -14.67 19.12 18.17
N PRO A 69 -15.07 18.31 17.20
CA PRO A 69 -14.10 17.44 16.49
C PRO A 69 -13.14 18.27 15.66
N PRO A 70 -11.86 17.89 15.60
CA PRO A 70 -10.91 18.59 14.73
C PRO A 70 -11.46 18.70 13.31
N GLN A 71 -11.19 19.85 12.68
CA GLN A 71 -11.58 20.03 11.29
C GLN A 71 -10.75 19.14 10.37
N ASP A 72 -9.47 18.97 10.67
CA ASP A 72 -8.61 18.10 9.89
C ASP A 72 -8.21 16.89 10.73
N THR A 73 -7.93 15.76 10.06
CA THR A 73 -7.65 14.53 10.78
C THR A 73 -6.22 14.47 11.32
N GLY A 74 -5.31 15.32 10.82
CA GLY A 74 -4.05 15.55 11.48
C GLY A 74 -2.87 14.69 11.06
N GLU A 75 -3.08 13.58 10.36
CA GLU A 75 -1.95 12.66 10.13
C GLU A 75 -1.01 13.09 9.01
N SER A 76 -1.26 14.19 8.30
CA SER A 76 -0.26 14.70 7.36
C SER A 76 0.29 16.07 7.79
N ALA A 77 0.19 16.40 9.08
CA ALA A 77 0.55 17.74 9.53
C ALA A 77 2.00 18.07 9.25
N ASP A 78 2.90 17.12 9.46
CA ASP A 78 4.33 17.38 9.28
C ASP A 78 4.85 16.96 7.91
N LEU A 79 3.97 16.61 6.98
CA LEU A 79 4.40 16.05 5.70
C LEU A 79 4.32 17.08 4.58
N SER A 80 5.21 16.93 3.61
CA SER A 80 5.19 17.70 2.38
C SER A 80 3.91 17.41 1.61
N PRO A 81 3.44 18.35 0.78
CA PRO A 81 2.29 18.04 -0.09
C PRO A 81 2.56 16.92 -1.07
N SER A 82 3.83 16.64 -1.38
CA SER A 82 4.21 15.46 -2.16
C SER A 82 3.48 15.38 -3.49
N ASN A 83 3.37 16.50 -4.18
CA ASN A 83 2.80 16.55 -5.53
C ASN A 83 1.37 15.97 -5.57
N LEU A 84 0.63 16.18 -4.49
CA LEU A 84 -0.74 15.69 -4.38
C LEU A 84 -1.61 16.25 -5.48
N THR A 85 -2.35 15.38 -6.15
CA THR A 85 -3.41 15.78 -7.07
C THR A 85 -4.66 15.01 -6.74
N VAL A 86 -5.81 15.61 -7.05
CA VAL A 86 -7.11 14.98 -6.86
C VAL A 86 -7.90 15.18 -8.14
N THR A 87 -8.32 14.09 -8.76
CA THR A 87 -9.03 14.11 -10.02
C THR A 87 -10.42 13.57 -9.79
N PHE A 88 -11.43 14.29 -10.30
CA PHE A 88 -12.82 13.91 -10.12
C PHE A 88 -13.42 13.49 -11.44
N GLY A 89 -14.27 12.49 -11.42
CA GLY A 89 -14.94 12.07 -12.64
C GLY A 89 -16.35 11.57 -12.34
N PHE A 90 -17.17 11.55 -13.38
CA PHE A 90 -18.58 11.18 -13.26
C PHE A 90 -18.89 9.92 -14.03
N GLY A 91 -19.56 8.99 -13.39
CA GLY A 91 -19.94 7.77 -14.06
C GLY A 91 -21.25 7.93 -14.76
N PRO A 92 -21.57 7.02 -15.69
CA PRO A 92 -22.87 7.10 -16.36
C PRO A 92 -24.03 7.05 -15.38
N SER A 93 -23.87 6.33 -14.28
CA SER A 93 -24.93 6.22 -13.28
C SER A 93 -25.22 7.56 -12.61
N PHE A 94 -24.26 8.50 -12.60
CA PHE A 94 -24.53 9.85 -12.14
C PHE A 94 -25.63 10.52 -12.95
N PHE A 95 -25.75 10.19 -14.23
CA PHE A 95 -26.69 10.87 -15.10
C PHE A 95 -28.02 10.14 -15.24
N GLU A 96 -27.99 8.82 -15.21
CA GLU A 96 -29.18 8.01 -15.39
C GLU A 96 -29.01 6.75 -14.57
N LYS A 97 -29.92 6.51 -13.63
CA LYS A 97 -29.88 5.31 -12.82
C LYS A 97 -31.28 4.74 -12.76
N ASP A 98 -31.38 3.41 -12.87
CA ASP A 98 -32.63 2.68 -12.69
C ASP A 98 -33.70 3.20 -13.64
N GLY A 99 -33.30 3.49 -14.88
CA GLY A 99 -34.20 3.93 -15.92
C GLY A 99 -34.71 5.35 -15.79
N LYS A 100 -34.18 6.14 -14.85
CA LYS A 100 -34.64 7.51 -14.64
C LYS A 100 -33.46 8.47 -14.74
N ASP A 101 -33.72 9.64 -15.31
CA ASP A 101 -32.71 10.70 -15.35
C ASP A 101 -32.67 11.43 -14.02
N ARG A 102 -31.46 11.59 -13.49
CA ARG A 102 -31.25 12.14 -12.16
C ARG A 102 -30.79 13.59 -12.25
N PHE A 103 -31.18 14.38 -11.26
CA PHE A 103 -30.66 15.73 -11.04
C PHE A 103 -30.89 16.66 -12.23
N GLY A 104 -31.65 16.24 -13.23
CA GLY A 104 -31.98 17.11 -14.35
C GLY A 104 -30.81 17.44 -15.23
N LEU A 105 -29.96 16.46 -15.54
CA LEU A 105 -28.71 16.69 -16.25
C LEU A 105 -28.71 16.13 -17.67
N LYS A 106 -29.90 15.79 -18.20
CA LYS A 106 -29.97 15.19 -19.53
C LYS A 106 -29.29 16.05 -20.58
N SER A 107 -29.62 17.35 -20.61
CA SER A 107 -29.04 18.25 -21.59
C SER A 107 -27.51 18.30 -21.50
N LYS A 108 -26.92 17.90 -20.38
CA LYS A 108 -25.48 18.05 -20.15
C LYS A 108 -24.73 16.72 -20.14
N LYS A 109 -25.40 15.63 -20.49
CA LYS A 109 -24.76 14.31 -20.47
C LYS A 109 -23.72 14.21 -21.58
N PRO A 110 -22.54 13.63 -21.31
CA PRO A 110 -21.48 13.58 -22.33
C PRO A 110 -21.76 12.58 -23.44
N LYS A 111 -21.02 12.75 -24.54
CA LYS A 111 -21.28 11.94 -25.74
C LYS A 111 -20.95 10.47 -25.53
N HIS A 112 -19.86 10.18 -24.82
CA HIS A 112 -19.30 8.82 -24.82
C HIS A 112 -19.35 8.16 -23.45
N LEU A 113 -20.24 8.61 -22.57
CA LEU A 113 -20.28 8.14 -21.19
C LEU A 113 -21.34 7.05 -21.10
N ALA A 114 -20.89 5.81 -21.27
CA ALA A 114 -21.68 4.61 -21.03
C ALA A 114 -20.75 3.55 -20.46
N ALA A 115 -21.32 2.54 -19.83
CA ALA A 115 -20.50 1.43 -19.37
C ALA A 115 -19.83 0.76 -20.56
N LEU A 116 -18.63 0.23 -20.30
CA LEU A 116 -17.83 -0.37 -21.36
C LEU A 116 -18.44 -1.69 -21.79
N PRO A 117 -18.37 -2.03 -23.08
CA PRO A 117 -19.01 -3.27 -23.55
C PRO A 117 -18.38 -4.49 -22.90
N ALA A 118 -19.21 -5.51 -22.72
CA ALA A 118 -18.78 -6.73 -22.05
C ALA A 118 -17.87 -7.55 -22.95
N MET A 119 -16.69 -7.87 -22.45
CA MET A 119 -15.75 -8.74 -23.14
C MET A 119 -15.85 -10.17 -22.60
N PRO A 120 -15.57 -11.18 -23.43
CA PRO A 120 -15.73 -12.56 -22.96
C PRO A 120 -14.69 -12.99 -21.93
N ASN A 121 -13.49 -12.40 -21.97
CA ASN A 121 -12.47 -12.72 -20.97
C ASN A 121 -12.87 -12.31 -19.56
N ASP A 122 -13.80 -11.35 -19.44
CA ASP A 122 -14.02 -10.68 -18.18
C ASP A 122 -14.52 -11.63 -17.09
N ASN A 123 -14.08 -11.36 -15.86
CA ASN A 123 -14.71 -11.86 -14.64
C ASN A 123 -15.01 -10.65 -13.77
N LEU A 124 -15.94 -9.81 -14.24
CA LEU A 124 -16.19 -8.50 -13.65
C LEU A 124 -17.05 -8.61 -12.38
N ASP A 125 -16.54 -8.04 -11.29
CA ASP A 125 -17.30 -7.85 -10.06
C ASP A 125 -17.95 -6.48 -10.12
N GLU A 126 -19.29 -6.46 -10.18
CA GLU A 126 -20.02 -5.20 -10.27
C GLU A 126 -19.61 -4.23 -9.16
N LYS A 127 -19.38 -4.75 -7.95
CA LYS A 127 -18.98 -3.89 -6.84
C LYS A 127 -17.54 -3.37 -6.96
N GLN A 128 -16.76 -3.91 -7.90
CA GLN A 128 -15.40 -3.44 -8.12
C GLN A 128 -15.30 -2.46 -9.28
N GLY A 129 -16.43 -1.96 -9.77
CA GLY A 129 -16.44 -1.04 -10.88
C GLY A 129 -17.59 -0.06 -10.79
N GLY A 130 -17.85 0.68 -11.86
CA GLY A 130 -18.96 1.62 -11.84
C GLY A 130 -18.74 2.76 -10.87
N GLY A 131 -19.85 3.31 -10.38
CA GLY A 131 -19.85 4.37 -9.40
C GLY A 131 -20.31 5.67 -10.03
N ASP A 132 -21.08 6.46 -9.26
CA ASP A 132 -21.53 7.75 -9.75
C ASP A 132 -20.38 8.73 -9.87
N ILE A 133 -19.48 8.72 -8.89
CA ILE A 133 -18.37 9.67 -8.78
C ILE A 133 -17.11 8.86 -8.53
N CYS A 134 -16.04 9.17 -9.25
CA CYS A 134 -14.73 8.64 -8.91
C CYS A 134 -13.84 9.76 -8.37
N ILE A 135 -12.97 9.41 -7.45
CA ILE A 135 -11.95 10.33 -6.93
C ILE A 135 -10.61 9.61 -7.03
N GLN A 136 -9.69 10.16 -7.83
CA GLN A 136 -8.33 9.62 -7.98
C GLN A 136 -7.40 10.55 -7.23
N VAL A 137 -6.79 10.05 -6.15
CA VAL A 137 -5.90 10.83 -5.30
C VAL A 137 -4.49 10.28 -5.47
N CYS A 138 -3.55 11.14 -5.88
CA CYS A 138 -2.19 10.71 -6.17
C CYS A 138 -1.19 11.56 -5.42
N ALA A 139 -0.15 10.92 -4.89
CA ALA A 139 0.91 11.65 -4.21
C ALA A 139 2.14 10.77 -4.19
N ASP A 140 3.27 11.39 -3.88
CA ASP A 140 4.53 10.67 -3.79
C ASP A 140 4.73 10.04 -2.43
N ASP A 141 3.75 10.15 -1.56
CA ASP A 141 3.78 9.55 -0.24
C ASP A 141 2.40 8.97 0.02
N GLU A 142 2.36 7.72 0.46
CA GLU A 142 1.08 7.04 0.64
C GLU A 142 0.26 7.66 1.77
N GLN A 143 0.91 8.04 2.88
CA GLN A 143 0.16 8.64 3.98
C GLN A 143 -0.47 9.97 3.57
N VAL A 144 0.22 10.74 2.71
CA VAL A 144 -0.36 11.98 2.21
C VAL A 144 -1.57 11.69 1.34
N ALA A 145 -1.47 10.68 0.48
CA ALA A 145 -2.60 10.33 -0.39
C ALA A 145 -3.80 9.86 0.44
N PHE A 146 -3.57 8.99 1.42
CA PHE A 146 -4.69 8.52 2.21
C PHE A 146 -5.34 9.66 2.98
N HIS A 147 -4.52 10.53 3.60
CA HIS A 147 -5.06 11.68 4.34
C HIS A 147 -5.99 12.51 3.47
N ALA A 148 -5.57 12.77 2.22
CA ALA A 148 -6.40 13.55 1.31
C ALA A 148 -7.71 12.83 1.01
N LEU A 149 -7.63 11.55 0.66
CA LEU A 149 -8.87 10.82 0.34
C LEU A 149 -9.80 10.76 1.54
N ARG A 150 -9.26 10.51 2.73
CA ARG A 150 -10.08 10.32 3.92
C ARG A 150 -10.82 11.59 4.27
N ASN A 151 -10.17 12.74 4.16
CA ASN A 151 -10.81 14.00 4.47
C ASN A 151 -11.83 14.36 3.41
N LEU A 152 -11.57 14.03 2.15
CA LEU A 152 -12.57 14.25 1.12
C LEU A 152 -13.79 13.35 1.34
N LEU A 153 -13.56 12.09 1.69
CA LEU A 153 -14.67 11.17 1.89
C LEU A 153 -15.46 11.52 3.14
N ASN A 154 -14.79 12.11 4.14
CA ASN A 154 -15.49 12.55 5.34
C ASN A 154 -16.54 13.59 5.02
N GLN A 155 -16.28 14.41 4.00
CA GLN A 155 -17.26 15.40 3.60
C GLN A 155 -18.48 14.76 2.96
N ALA A 156 -18.31 13.60 2.35
CA ALA A 156 -19.37 13.03 1.55
C ALA A 156 -20.31 12.14 2.33
N VAL A 157 -19.96 11.78 3.58
CA VAL A 157 -20.90 11.07 4.43
C VAL A 157 -22.14 11.92 4.60
N GLY A 158 -23.31 11.32 4.46
CA GLY A 158 -24.54 12.09 4.38
C GLY A 158 -25.07 12.23 2.98
N THR A 159 -24.20 12.47 2.01
CA THR A 159 -24.57 12.63 0.61
C THR A 159 -24.30 11.40 -0.24
N CYS A 160 -23.24 10.65 0.09
CA CYS A 160 -22.83 9.51 -0.71
C CYS A 160 -22.57 8.31 0.17
N GLU A 161 -22.47 7.17 -0.48
CA GLU A 161 -21.92 5.95 0.10
C GLU A 161 -20.73 5.55 -0.74
N VAL A 162 -19.63 5.17 -0.07
CA VAL A 162 -18.46 4.71 -0.82
C VAL A 162 -18.73 3.32 -1.36
N ARG A 163 -18.46 3.13 -2.64
CA ARG A 163 -18.64 1.89 -3.35
C ARG A 163 -17.42 0.98 -3.21
N PHE A 164 -16.24 1.51 -3.50
CA PHE A 164 -15.02 0.75 -3.28
C PHE A 164 -13.88 1.73 -3.10
N VAL A 165 -12.79 1.26 -2.49
CA VAL A 165 -11.58 2.05 -2.40
C VAL A 165 -10.42 1.13 -2.75
N ASN A 166 -9.64 1.51 -3.75
CA ASN A 166 -8.43 0.82 -4.13
C ASN A 166 -7.24 1.71 -3.82
N LYS A 167 -6.07 1.10 -3.71
CA LYS A 167 -4.87 1.88 -3.60
C LYS A 167 -3.76 1.13 -4.33
N GLY A 168 -2.72 1.87 -4.70
CA GLY A 168 -1.69 1.28 -5.51
C GLY A 168 -0.41 2.09 -5.47
N PHE A 169 0.59 1.57 -6.17
CA PHE A 169 1.92 2.16 -6.13
C PHE A 169 2.60 1.90 -7.47
N LEU A 170 3.59 2.75 -7.78
CA LEU A 170 4.36 2.58 -9.01
C LEU A 170 5.63 3.42 -8.88
N SER A 171 6.75 2.77 -8.61
CA SER A 171 7.99 3.50 -8.37
C SER A 171 8.74 3.68 -9.68
N GLY A 172 8.92 4.93 -10.10
CA GLY A 172 9.81 5.21 -11.21
C GLY A 172 11.26 4.99 -10.82
N GLY A 173 12.11 4.90 -11.85
CA GLY A 173 13.50 4.57 -11.62
C GLY A 173 14.26 5.68 -10.93
N LYS A 174 15.24 5.27 -10.13
CA LYS A 174 16.08 6.21 -9.37
C LYS A 174 16.66 7.30 -10.27
N ASN A 175 17.06 6.93 -11.49
CA ASN A 175 17.62 7.87 -12.45
C ASN A 175 16.58 8.39 -13.45
N GLY A 176 15.30 8.26 -13.15
CA GLY A 176 14.26 8.69 -14.06
C GLY A 176 13.80 7.65 -15.05
N GLU A 177 14.18 6.38 -14.86
CA GLU A 177 13.74 5.33 -15.77
C GLU A 177 12.23 5.15 -15.70
N THR A 178 11.67 4.75 -16.84
CA THR A 178 10.28 4.37 -16.93
C THR A 178 9.92 3.37 -15.82
N PRO A 179 8.85 3.60 -15.07
CA PRO A 179 8.53 2.70 -13.95
C PRO A 179 8.15 1.31 -14.43
N ARG A 180 8.45 0.32 -13.57
CA ARG A 180 8.18 -1.08 -13.86
C ARG A 180 6.94 -1.56 -13.11
N ASN A 181 6.10 -2.33 -13.79
CA ASN A 181 4.93 -2.98 -13.19
C ASN A 181 5.39 -4.23 -12.42
N LEU A 182 4.42 -5.00 -11.90
CA LEU A 182 4.79 -6.14 -11.08
C LEU A 182 5.33 -7.31 -11.89
N PHE A 183 5.17 -7.27 -13.22
CA PHE A 183 5.82 -8.26 -14.10
C PHE A 183 7.27 -7.91 -14.41
N GLY A 184 7.77 -6.78 -13.89
CA GLY A 184 9.15 -6.37 -14.06
C GLY A 184 9.45 -5.62 -15.34
N PHE A 185 8.44 -5.26 -16.12
CA PHE A 185 8.63 -4.59 -17.39
C PHE A 185 8.42 -3.10 -17.23
N LYS A 186 9.25 -2.30 -17.89
CA LYS A 186 8.94 -0.89 -18.02
C LYS A 186 7.52 -0.73 -18.54
N ASP A 187 6.78 0.19 -17.94
CA ASP A 187 5.37 0.38 -18.22
C ASP A 187 5.14 1.86 -18.43
N GLY A 188 4.86 2.25 -19.68
CA GLY A 188 4.51 3.63 -19.98
C GLY A 188 5.28 4.18 -21.16
N THR A 189 6.17 3.35 -21.74
CA THR A 189 6.97 3.78 -22.88
C THR A 189 6.10 4.25 -24.05
N GLY A 190 5.09 3.47 -24.40
CA GLY A 190 4.29 3.83 -25.57
C GLY A 190 3.46 5.10 -25.42
N ASN A 191 3.38 5.69 -24.24
CA ASN A 191 2.69 6.95 -24.07
C ASN A 191 3.39 8.04 -24.88
N GLN A 192 2.61 8.98 -25.41
CA GLN A 192 3.25 10.19 -25.88
C GLN A 192 3.65 11.07 -24.69
N SER A 193 4.43 12.11 -24.98
CA SER A 193 4.95 12.99 -23.93
C SER A 193 3.84 13.88 -23.39
N THR A 194 3.62 13.84 -22.07
CA THR A 194 2.60 14.66 -21.45
C THR A 194 2.92 16.15 -21.49
N GLU A 195 4.16 16.53 -21.79
CA GLU A 195 4.54 17.93 -21.94
C GLU A 195 4.42 18.42 -23.37
N ASP A 196 3.97 17.55 -24.29
CA ASP A 196 3.65 17.94 -25.66
C ASP A 196 2.18 18.31 -25.70
N ASP A 197 1.89 19.61 -25.58
CA ASP A 197 0.50 20.06 -25.53
C ASP A 197 -0.26 19.61 -26.77
N SER A 198 0.40 19.62 -27.92
N SER A 198 0.41 19.61 -27.92
CA SER A 198 -0.26 19.23 -29.17
CA SER A 198 -0.26 19.23 -29.17
C SER A 198 -0.74 17.78 -29.10
C SER A 198 -0.73 17.78 -29.13
N LEU A 199 0.12 16.88 -28.64
CA LEU A 199 -0.26 15.47 -28.60
C LEU A 199 -1.30 15.21 -27.51
N MET A 200 -1.21 15.91 -26.38
CA MET A 200 -2.22 15.72 -25.34
C MET A 200 -3.60 16.22 -25.80
N ASN A 201 -3.65 17.30 -26.59
CA ASN A 201 -4.91 17.75 -27.15
C ASN A 201 -5.50 16.72 -28.11
N SER A 202 -4.64 16.04 -28.88
CA SER A 202 -5.14 15.09 -29.87
C SER A 202 -5.58 13.77 -29.25
N ILE A 203 -5.01 13.39 -28.11
CA ILE A 203 -5.28 12.09 -27.51
C ILE A 203 -6.19 12.21 -26.29
N VAL A 204 -5.94 13.18 -25.42
CA VAL A 204 -6.52 13.20 -24.10
C VAL A 204 -7.65 14.23 -23.97
N TRP A 205 -7.40 15.48 -24.37
CA TRP A 205 -8.26 16.59 -23.97
C TRP A 205 -9.40 16.82 -24.95
N VAL A 206 -10.62 16.81 -24.43
CA VAL A 206 -11.78 17.21 -25.23
C VAL A 206 -11.67 18.69 -25.56
N GLN A 207 -11.71 19.03 -26.85
CA GLN A 207 -11.64 20.42 -27.27
C GLN A 207 -12.95 20.97 -27.81
N SER A 208 -13.77 20.17 -28.49
CA SER A 208 -15.06 20.65 -28.97
C SER A 208 -16.02 19.48 -29.11
N GLY A 209 -17.29 19.82 -29.32
CA GLY A 209 -18.33 18.84 -29.59
C GLY A 209 -19.02 18.28 -28.37
N GLU A 210 -18.58 18.64 -27.16
CA GLU A 210 -19.14 18.14 -25.92
C GLU A 210 -19.68 19.31 -25.12
N PRO A 211 -20.45 19.09 -24.04
CA PRO A 211 -20.93 20.21 -23.23
C PRO A 211 -19.75 21.02 -22.68
N ASP A 212 -20.01 22.29 -22.43
CA ASP A 212 -18.98 23.19 -21.93
C ASP A 212 -18.22 22.62 -20.75
N TRP A 213 -18.92 21.97 -19.81
CA TRP A 213 -18.25 21.47 -18.62
C TRP A 213 -17.27 20.32 -18.95
N MET A 214 -17.45 19.64 -20.08
CA MET A 214 -16.53 18.58 -20.51
C MET A 214 -15.40 19.08 -21.39
N THR A 215 -15.43 20.34 -21.81
CA THR A 215 -14.36 20.85 -22.64
C THR A 215 -13.15 21.13 -21.77
N GLY A 216 -11.98 20.70 -22.22
CA GLY A 216 -10.84 20.65 -21.34
C GLY A 216 -10.85 19.46 -20.41
N GLY A 217 -11.86 18.60 -20.51
CA GLY A 217 -11.93 17.38 -19.74
C GLY A 217 -11.46 16.19 -20.56
N THR A 218 -11.80 15.01 -20.08
CA THR A 218 -11.35 13.77 -20.69
C THR A 218 -12.18 12.63 -20.12
N TYR A 219 -12.08 11.47 -20.74
CA TYR A 219 -12.71 10.27 -20.17
C TYR A 219 -11.64 9.38 -19.54
N MET A 220 -11.90 8.91 -18.33
CA MET A 220 -11.02 8.01 -17.62
C MET A 220 -11.60 6.60 -17.68
N ALA A 221 -10.81 5.66 -18.19
CA ALA A 221 -11.16 4.25 -18.13
C ALA A 221 -10.45 3.62 -16.94
N PHE A 222 -11.18 2.82 -16.19
CA PHE A 222 -10.63 2.10 -15.05
C PHE A 222 -10.82 0.61 -15.29
N ARG A 223 -9.74 -0.16 -15.19
CA ARG A 223 -9.81 -1.61 -15.24
C ARG A 223 -8.92 -2.15 -14.12
N LYS A 224 -9.51 -2.88 -13.18
CA LYS A 224 -8.74 -3.56 -12.15
C LYS A 224 -8.31 -4.92 -12.71
N ILE A 225 -7.03 -5.13 -12.89
CA ILE A 225 -6.55 -6.28 -13.65
C ILE A 225 -5.65 -7.11 -12.75
N LYS A 226 -6.14 -8.28 -12.35
CA LYS A 226 -5.38 -9.23 -11.56
C LYS A 226 -4.19 -9.73 -12.37
N MET A 227 -3.05 -9.91 -11.72
CA MET A 227 -1.86 -10.43 -12.37
C MET A 227 -1.43 -11.69 -11.66
N PHE A 228 -1.18 -12.76 -12.43
CA PHE A 228 -0.87 -14.07 -11.87
C PHE A 228 0.63 -14.17 -11.67
N LEU A 229 1.08 -13.59 -10.55
CA LEU A 229 2.52 -13.41 -10.34
C LEU A 229 3.23 -14.75 -10.20
N GLU A 230 2.59 -15.72 -9.55
N GLU A 230 2.59 -15.73 -9.55
CA GLU A 230 3.21 -17.00 -9.29
CA GLU A 230 3.25 -17.01 -9.30
C GLU A 230 3.58 -17.70 -10.60
C GLU A 230 3.59 -17.73 -10.60
N ILE A 231 2.61 -17.87 -11.51
CA ILE A 231 2.91 -18.57 -12.76
C ILE A 231 3.75 -17.70 -13.69
N TRP A 232 3.61 -16.38 -13.62
CA TRP A 232 4.51 -15.51 -14.35
C TRP A 232 5.95 -15.69 -13.91
N ASP A 233 6.17 -15.75 -12.59
CA ASP A 233 7.52 -15.92 -12.05
C ASP A 233 8.11 -17.29 -12.40
N ARG A 234 7.27 -18.29 -12.67
N ARG A 234 7.27 -18.28 -12.69
CA ARG A 234 7.77 -19.58 -13.14
CA ARG A 234 7.71 -19.59 -13.13
C ARG A 234 8.04 -19.62 -14.63
C ARG A 234 7.86 -19.68 -14.65
N SER A 235 7.63 -18.59 -15.38
CA SER A 235 7.78 -18.59 -16.82
C SER A 235 9.16 -18.06 -17.21
N SER A 236 9.62 -18.49 -18.38
CA SER A 236 10.95 -18.14 -18.83
C SER A 236 11.01 -16.68 -19.22
N LEU A 237 12.22 -16.12 -19.15
CA LEU A 237 12.40 -14.74 -19.63
C LEU A 237 11.89 -14.58 -21.06
N LYS A 238 12.20 -15.55 -21.93
CA LYS A 238 11.73 -15.49 -23.30
C LYS A 238 10.21 -15.42 -23.37
N ASP A 239 9.51 -16.25 -22.58
CA ASP A 239 8.05 -16.22 -22.60
C ASP A 239 7.53 -14.85 -22.16
N GLN A 240 8.06 -14.34 -21.05
CA GLN A 240 7.67 -13.02 -20.55
C GLN A 240 7.86 -11.96 -21.63
N GLU A 241 9.03 -11.95 -22.26
CA GLU A 241 9.30 -10.93 -23.27
C GLU A 241 8.39 -11.14 -24.48
N ASP A 242 8.25 -12.39 -24.91
CA ASP A 242 7.34 -12.72 -26.02
C ASP A 242 5.92 -12.24 -25.73
N THR A 243 5.52 -12.21 -24.45
CA THR A 243 4.18 -11.77 -24.08
C THR A 243 3.97 -10.31 -24.47
N PHE A 244 5.03 -9.52 -24.41
CA PHE A 244 4.94 -8.09 -24.61
C PHE A 244 5.53 -7.62 -25.93
N GLY A 245 6.60 -8.25 -26.39
CA GLY A 245 7.30 -7.74 -27.55
C GLY A 245 8.37 -6.73 -27.23
N ARG A 246 8.78 -6.64 -25.97
CA ARG A 246 9.92 -5.84 -25.60
C ARG A 246 10.85 -6.69 -24.73
N ARG A 247 12.13 -6.36 -24.76
CA ARG A 247 13.11 -6.98 -23.88
C ARG A 247 12.96 -6.43 -22.46
N LYS A 248 13.13 -7.30 -21.46
CA LYS A 248 12.69 -6.96 -20.11
C LYS A 248 13.54 -5.86 -19.48
N SER A 249 14.86 -5.97 -19.57
N SER A 249 14.86 -5.97 -19.57
CA SER A 249 15.71 -5.04 -18.84
CA SER A 249 15.72 -5.04 -18.85
C SER A 249 15.78 -3.68 -19.54
C SER A 249 15.78 -3.68 -19.54
N SER A 250 16.01 -3.68 -20.86
CA SER A 250 16.06 -2.43 -21.60
C SER A 250 14.69 -1.84 -21.88
N GLY A 251 13.65 -2.68 -21.96
CA GLY A 251 12.41 -2.21 -22.53
C GLY A 251 12.46 -1.92 -24.01
N ALA A 252 13.50 -2.40 -24.69
CA ALA A 252 13.62 -2.12 -26.12
C ALA A 252 12.72 -3.07 -26.90
N PRO A 253 12.08 -2.58 -27.96
CA PRO A 253 11.35 -3.48 -28.86
C PRO A 253 12.33 -4.52 -29.43
N PHE A 254 11.82 -5.71 -29.71
CA PHE A 254 12.62 -6.76 -30.33
C PHE A 254 13.29 -6.22 -31.59
N GLY A 255 14.57 -6.57 -31.79
CA GLY A 255 15.30 -6.07 -32.92
C GLY A 255 15.77 -4.65 -32.82
N GLN A 256 15.53 -3.99 -31.69
CA GLN A 256 15.97 -2.62 -31.50
C GLN A 256 16.93 -2.54 -30.32
N LYS A 257 17.70 -1.45 -30.28
CA LYS A 257 18.71 -1.28 -29.24
C LYS A 257 18.17 -0.57 -28.00
N LYS A 258 17.22 0.34 -28.15
CA LYS A 258 16.83 1.21 -27.06
C LYS A 258 15.32 1.17 -26.81
N GLU A 259 14.96 1.47 -25.55
CA GLU A 259 13.57 1.53 -25.13
C GLU A 259 12.73 2.38 -26.07
N THR A 260 13.24 3.56 -26.43
CA THR A 260 12.51 4.56 -27.20
C THR A 260 12.61 4.39 -28.71
N ASP A 261 13.35 3.39 -29.18
CA ASP A 261 13.35 3.08 -30.60
C ASP A 261 11.95 2.61 -31.01
N PRO A 262 11.56 2.86 -32.25
CA PRO A 262 10.20 2.47 -32.67
C PRO A 262 10.03 0.96 -32.70
N VAL A 263 8.84 0.52 -32.29
CA VAL A 263 8.48 -0.88 -32.39
C VAL A 263 8.51 -1.29 -33.86
N LYS A 264 9.10 -2.44 -34.14
CA LYS A 264 9.07 -3.02 -35.47
C LYS A 264 8.11 -4.19 -35.40
N LEU A 265 6.93 -4.03 -35.97
CA LEU A 265 5.85 -4.98 -35.75
C LEU A 265 6.15 -6.34 -36.36
N ASN A 266 6.92 -6.39 -37.45
CA ASN A 266 7.27 -7.64 -38.09
C ASN A 266 8.28 -8.47 -37.27
N GLN A 267 8.79 -7.92 -36.17
CA GLN A 267 9.77 -8.59 -35.33
C GLN A 267 9.20 -9.11 -34.03
N ILE A 268 7.94 -8.86 -33.72
CA ILE A 268 7.35 -9.31 -32.46
C ILE A 268 6.18 -10.21 -32.79
N PRO A 269 5.81 -11.10 -31.85
CA PRO A 269 4.64 -11.96 -32.06
C PRO A 269 3.38 -11.13 -32.33
N SER A 270 2.55 -11.63 -33.23
CA SER A 270 1.31 -10.92 -33.57
C SER A 270 0.28 -10.98 -32.45
N ASN A 271 0.38 -11.95 -31.55
CA ASN A 271 -0.47 -11.98 -30.36
C ASN A 271 0.21 -11.35 -29.16
N SER A 272 1.34 -10.65 -29.36
CA SER A 272 1.93 -10.00 -28.21
C SER A 272 1.14 -8.74 -27.87
N HIS A 273 1.28 -8.34 -26.61
CA HIS A 273 0.50 -7.22 -26.09
C HIS A 273 0.74 -5.95 -26.88
N VAL A 274 2.00 -5.58 -27.07
CA VAL A 274 2.33 -4.34 -27.77
C VAL A 274 1.87 -4.42 -29.22
N SER A 275 2.05 -5.58 -29.87
CA SER A 275 1.64 -5.70 -31.27
C SER A 275 0.14 -5.47 -31.41
N LEU A 276 -0.65 -6.10 -30.56
CA LEU A 276 -2.10 -5.98 -30.66
C LEU A 276 -2.57 -4.55 -30.38
N ALA A 277 -2.06 -3.92 -29.31
CA ALA A 277 -2.45 -2.54 -29.02
C ALA A 277 -1.98 -1.59 -30.11
N LYS A 278 -0.78 -1.81 -30.64
CA LYS A 278 -0.27 -1.01 -31.75
C LYS A 278 -1.09 -1.22 -33.02
N SER A 279 -1.73 -2.39 -33.14
N SER A 279 -1.74 -2.36 -33.16
CA SER A 279 -2.45 -2.74 -34.36
CA SER A 279 -2.41 -2.68 -34.41
C SER A 279 -3.66 -1.85 -34.57
C SER A 279 -3.80 -2.08 -34.52
N THR A 280 -4.28 -1.40 -33.48
CA THR A 280 -5.51 -0.62 -33.58
C THR A 280 -5.27 0.73 -34.24
N GLY A 281 -4.04 1.24 -34.18
CA GLY A 281 -3.78 2.58 -34.66
C GLY A 281 -4.30 3.67 -33.76
N LYS A 282 -4.76 3.30 -32.58
CA LYS A 282 -5.35 4.22 -31.63
C LYS A 282 -4.37 4.52 -30.52
N GLN A 283 -4.55 5.66 -29.88
CA GLN A 283 -3.70 6.06 -28.77
C GLN A 283 -4.53 6.47 -27.58
N ILE A 284 -3.98 6.18 -26.40
CA ILE A 284 -4.52 6.59 -25.11
C ILE A 284 -3.34 7.01 -24.24
N LEU A 285 -3.65 7.67 -23.12
CA LEU A 285 -2.65 8.03 -22.14
C LEU A 285 -2.84 7.11 -20.93
N ARG A 286 -1.94 6.15 -20.78
CA ARG A 286 -1.99 5.23 -19.64
C ARG A 286 -1.31 5.85 -18.42
N ARG A 287 -1.89 5.60 -17.26
CA ARG A 287 -1.40 6.16 -16.02
C ARG A 287 -1.77 5.20 -14.89
N ALA A 288 -1.30 3.96 -15.03
CA ALA A 288 -1.73 2.90 -14.14
C ALA A 288 -0.86 2.84 -12.89
N PHE A 289 -1.33 2.09 -11.91
CA PHE A 289 -0.56 1.83 -10.69
C PHE A 289 -0.70 0.35 -10.35
N SER A 290 0.37 -0.23 -9.79
CA SER A 290 0.29 -1.61 -9.35
C SER A 290 -0.46 -1.69 -8.03
N TYR A 291 -1.03 -2.85 -7.75
CA TYR A 291 -1.58 -3.06 -6.40
C TYR A 291 -1.19 -4.42 -5.87
N THR A 292 -1.13 -4.52 -4.55
CA THR A 292 -1.08 -5.81 -3.86
C THR A 292 -2.13 -5.76 -2.76
N GLU A 293 -2.89 -6.84 -2.62
CA GLU A 293 -3.97 -6.90 -1.64
C GLU A 293 -3.91 -8.20 -0.86
N GLY A 294 -2.73 -8.49 -0.30
CA GLY A 294 -2.58 -9.69 0.49
C GLY A 294 -2.83 -10.94 -0.31
N LEU A 295 -3.38 -11.94 0.35
CA LEU A 295 -3.64 -13.25 -0.25
C LEU A 295 -5.12 -13.37 -0.60
N ASP A 296 -5.38 -13.97 -1.75
CA ASP A 296 -6.75 -14.29 -2.13
C ASP A 296 -7.37 -15.20 -1.08
N PRO A 297 -8.44 -14.78 -0.41
CA PRO A 297 -9.05 -15.65 0.61
C PRO A 297 -9.47 -17.00 0.08
N LYS A 298 -9.89 -17.06 -1.19
CA LYS A 298 -10.30 -18.33 -1.79
C LYS A 298 -9.11 -19.23 -2.05
N THR A 299 -8.20 -18.81 -2.94
CA THR A 299 -7.14 -19.69 -3.41
C THR A 299 -5.87 -19.65 -2.57
N GLY A 300 -5.73 -18.71 -1.64
CA GLY A 300 -4.49 -18.58 -0.90
C GLY A 300 -3.28 -18.18 -1.74
N TYR A 301 -3.51 -17.69 -2.96
CA TYR A 301 -2.46 -17.10 -3.78
C TYR A 301 -2.45 -15.58 -3.58
N MET A 302 -1.33 -14.96 -3.94
N MET A 302 -1.33 -14.96 -3.94
CA MET A 302 -1.20 -13.53 -3.75
CA MET A 302 -1.21 -13.52 -3.74
C MET A 302 -2.19 -12.76 -4.63
C MET A 302 -2.19 -12.77 -4.63
N ASP A 303 -2.87 -11.80 -4.03
CA ASP A 303 -3.78 -10.93 -4.76
C ASP A 303 -2.99 -9.70 -5.13
N ALA A 304 -2.72 -9.55 -6.43
CA ALA A 304 -1.92 -8.44 -6.91
C ALA A 304 -2.30 -8.18 -8.35
N GLY A 305 -1.96 -6.99 -8.83
CA GLY A 305 -2.23 -6.72 -10.23
C GLY A 305 -2.01 -5.28 -10.57
N LEU A 306 -2.81 -4.79 -11.52
CA LEU A 306 -2.68 -3.44 -12.04
C LEU A 306 -4.00 -2.70 -11.91
N LEU A 307 -3.94 -1.52 -11.30
CA LEU A 307 -5.02 -0.54 -11.37
C LEU A 307 -4.83 0.20 -12.68
N PHE A 308 -5.38 -0.34 -13.74
CA PHE A 308 -5.20 0.25 -15.06
C PHE A 308 -6.08 1.49 -15.15
N ILE A 309 -5.45 2.64 -15.36
CA ILE A 309 -6.14 3.90 -15.57
C ILE A 309 -5.61 4.49 -16.87
N SER A 310 -6.52 4.92 -17.75
CA SER A 310 -6.11 5.60 -18.97
C SER A 310 -7.08 6.73 -19.26
N PHE A 311 -6.58 7.74 -19.96
CA PHE A 311 -7.39 8.89 -20.33
C PHE A 311 -7.41 8.99 -21.85
N GLN A 312 -8.55 9.40 -22.39
CA GLN A 312 -8.74 9.51 -23.82
C GLN A 312 -9.96 10.39 -24.07
N LYS A 313 -9.85 11.28 -25.06
CA LYS A 313 -10.93 12.23 -25.30
C LYS A 313 -12.16 11.55 -25.89
N ASN A 314 -11.98 10.42 -26.57
CA ASN A 314 -13.09 9.68 -27.16
C ASN A 314 -12.86 8.19 -26.90
N PRO A 315 -13.47 7.63 -25.83
CA PRO A 315 -13.24 6.21 -25.55
C PRO A 315 -13.82 5.27 -26.60
N ASP A 316 -14.90 5.66 -27.28
CA ASP A 316 -15.46 4.82 -28.35
C ASP A 316 -14.48 4.64 -29.50
N ASN A 317 -13.74 5.69 -29.82
CA ASN A 317 -12.77 5.62 -30.90
C ASN A 317 -11.43 5.07 -30.47
N GLN A 318 -11.00 5.43 -29.25
CA GLN A 318 -9.64 5.17 -28.81
C GLN A 318 -9.49 3.97 -27.88
N PHE A 319 -10.48 3.68 -27.03
CA PHE A 319 -10.26 2.69 -25.98
C PHE A 319 -10.97 1.38 -26.24
N ILE A 320 -12.25 1.40 -26.63
CA ILE A 320 -12.96 0.14 -26.90
C ILE A 320 -12.30 -0.66 -28.00
N PRO A 321 -11.76 -0.07 -29.08
CA PRO A 321 -11.05 -0.91 -30.06
C PRO A 321 -9.82 -1.59 -29.49
N MET A 322 -9.20 -1.02 -28.47
CA MET A 322 -8.10 -1.69 -27.80
C MET A 322 -8.61 -2.90 -27.02
N LEU A 323 -9.64 -2.71 -26.19
CA LEU A 323 -10.20 -3.85 -25.46
C LEU A 323 -10.56 -4.99 -26.40
N LYS A 324 -11.24 -4.68 -27.50
CA LYS A 324 -11.64 -5.70 -28.47
C LYS A 324 -10.44 -6.42 -29.03
N ALA A 325 -9.41 -5.67 -29.44
CA ALA A 325 -8.22 -6.28 -30.03
C ALA A 325 -7.50 -7.15 -29.02
N LEU A 326 -7.41 -6.69 -27.77
CA LEU A 326 -6.69 -7.45 -26.76
C LEU A 326 -7.52 -8.61 -26.22
N SER A 327 -8.78 -8.35 -25.85
CA SER A 327 -9.61 -9.40 -25.27
C SER A 327 -9.66 -10.63 -26.16
N ALA A 328 -9.54 -10.45 -27.46
CA ALA A 328 -9.51 -11.57 -28.39
C ALA A 328 -8.31 -12.49 -28.13
N LYS A 329 -7.09 -12.02 -28.42
CA LYS A 329 -5.95 -12.90 -28.61
C LYS A 329 -4.69 -12.51 -27.82
N ASP A 330 -4.79 -11.57 -26.87
CA ASP A 330 -3.60 -11.09 -26.16
C ASP A 330 -2.93 -12.24 -25.41
N ALA A 331 -1.63 -12.43 -25.69
CA ALA A 331 -0.84 -13.37 -24.91
C ALA A 331 -0.86 -13.03 -23.43
N LEU A 332 -0.96 -11.75 -23.10
CA LEU A 332 -1.02 -11.33 -21.70
C LEU A 332 -2.24 -11.89 -20.97
N ASN A 333 -3.29 -12.28 -21.72
CA ASN A 333 -4.48 -12.84 -21.06
C ASN A 333 -4.18 -14.13 -20.32
N GLU A 334 -3.14 -14.86 -20.73
CA GLU A 334 -2.72 -16.04 -19.98
C GLU A 334 -2.39 -15.70 -18.52
N TYR A 335 -1.91 -14.48 -18.28
CA TYR A 335 -1.34 -14.10 -17.01
C TYR A 335 -2.16 -13.06 -16.26
N THR A 336 -3.30 -12.63 -16.81
CA THR A 336 -4.09 -11.54 -16.23
C THR A 336 -5.56 -11.88 -16.29
N GLN A 337 -6.35 -11.17 -15.49
CA GLN A 337 -7.80 -11.30 -15.52
C GLN A 337 -8.42 -9.99 -15.02
N THR A 338 -9.28 -9.42 -15.84
CA THR A 338 -9.97 -8.19 -15.46
C THR A 338 -11.10 -8.53 -14.50
N ILE A 339 -11.08 -7.91 -13.32
CA ILE A 339 -12.13 -8.15 -12.33
C ILE A 339 -12.90 -6.88 -11.99
N GLY A 340 -12.55 -5.75 -12.59
CA GLY A 340 -13.27 -4.51 -12.32
C GLY A 340 -13.18 -3.57 -13.51
N SER A 341 -14.24 -2.81 -13.74
CA SER A 341 -14.30 -1.93 -14.90
C SER A 341 -15.18 -0.73 -14.60
N ALA A 342 -14.76 0.44 -15.10
CA ALA A 342 -15.58 1.65 -15.00
C ALA A 342 -15.12 2.66 -16.04
N LEU A 343 -16.05 3.52 -16.45
CA LEU A 343 -15.72 4.68 -17.28
C LEU A 343 -16.24 5.93 -16.58
N TYR A 344 -15.42 6.99 -16.58
CA TYR A 344 -15.83 8.24 -15.95
C TYR A 344 -15.54 9.42 -16.87
N ALA A 345 -16.46 10.38 -16.91
CA ALA A 345 -16.25 11.65 -17.58
C ALA A 345 -15.63 12.64 -16.59
N CYS A 346 -14.39 13.05 -16.85
CA CYS A 346 -13.69 13.96 -15.97
C CYS A 346 -13.91 15.40 -16.44
N PRO A 347 -14.49 16.26 -15.61
CA PRO A 347 -14.77 17.63 -16.04
C PRO A 347 -13.51 18.37 -16.46
N GLY A 348 -13.70 19.41 -17.27
CA GLY A 348 -12.65 20.36 -17.51
C GLY A 348 -12.12 20.94 -16.21
N GLY A 349 -11.05 21.72 -16.35
CA GLY A 349 -10.43 22.32 -15.20
C GLY A 349 -11.33 23.30 -14.47
N CYS A 350 -10.97 23.59 -13.23
CA CYS A 350 -11.71 24.51 -12.39
C CYS A 350 -11.00 25.85 -12.34
N LYS A 351 -11.76 26.93 -12.51
CA LYS A 351 -11.23 28.27 -12.35
C LYS A 351 -11.27 28.65 -10.88
N LYS A 352 -10.26 29.37 -10.40
CA LYS A 352 -10.35 29.84 -9.03
C LYS A 352 -11.56 30.75 -8.90
N GLY A 353 -12.29 30.61 -7.79
CA GLY A 353 -13.56 31.24 -7.60
C GLY A 353 -14.74 30.34 -7.91
N GLU A 354 -14.57 29.40 -8.83
CA GLU A 354 -15.60 28.45 -9.20
C GLU A 354 -15.38 27.13 -8.46
N TYR A 355 -16.30 26.20 -8.63
CA TYR A 355 -16.15 24.88 -8.03
C TYR A 355 -16.20 23.80 -9.10
N ILE A 356 -15.63 22.64 -8.75
CA ILE A 356 -15.55 21.49 -9.64
C ILE A 356 -16.94 21.14 -10.14
N ALA A 357 -17.05 20.97 -11.46
CA ALA A 357 -18.28 20.59 -12.15
C ALA A 357 -19.38 21.65 -12.03
N GLN A 358 -19.00 22.90 -11.76
CA GLN A 358 -19.99 23.97 -11.60
C GLN A 358 -20.80 24.17 -12.88
N ARG A 359 -20.14 24.10 -14.05
CA ARG A 359 -20.88 24.32 -15.30
C ARG A 359 -21.90 23.21 -15.55
N LEU A 360 -21.67 22.03 -14.99
CA LEU A 360 -22.61 20.93 -15.16
C LEU A 360 -23.78 21.03 -14.18
N LEU A 361 -23.50 21.33 -12.92
CA LEU A 361 -24.51 21.23 -11.88
C LEU A 361 -25.33 22.49 -11.73
N GLU A 362 -24.75 23.65 -12.01
CA GLU A 362 -25.45 24.91 -11.78
C GLU A 362 -26.63 25.06 -12.72
N SER A 363 -27.65 25.76 -12.24
CA SER A 363 -28.73 26.16 -13.12
C SER A 363 -28.25 27.36 -13.93
N GLU B 2 26.17 2.13 0.00
CA GLU B 2 25.45 2.86 -1.02
C GLU B 2 24.35 3.71 -0.41
N GLU B 3 24.65 4.24 0.78
CA GLU B 3 23.86 5.25 1.48
C GLU B 3 22.58 4.69 2.09
N GLN B 4 21.63 4.28 1.25
CA GLN B 4 20.39 3.67 1.72
C GLN B 4 20.51 2.16 1.86
N ILE B 5 21.61 1.72 2.47
CA ILE B 5 21.85 0.30 2.71
C ILE B 5 21.99 0.10 4.21
N VAL B 6 21.21 -0.81 4.75
CA VAL B 6 21.32 -1.23 6.15
C VAL B 6 22.06 -2.57 6.18
N PRO B 7 23.09 -2.71 7.03
CA PRO B 7 23.82 -3.99 7.09
C PRO B 7 22.92 -5.15 7.46
N PHE B 8 23.07 -6.25 6.75
CA PHE B 8 22.32 -7.47 7.02
C PHE B 8 22.99 -8.34 8.09
N TYR B 9 24.30 -8.56 7.98
CA TYR B 9 25.04 -9.31 8.98
C TYR B 9 25.40 -8.43 10.17
N GLY B 10 25.41 -9.03 11.35
CA GLY B 10 25.82 -8.33 12.55
C GLY B 10 25.42 -9.10 13.78
N LYS B 11 25.64 -8.46 14.94
CA LYS B 11 25.27 -9.07 16.20
C LYS B 11 23.77 -9.33 16.28
N HIS B 12 22.96 -8.42 15.75
CA HIS B 12 21.51 -8.52 15.74
C HIS B 12 20.97 -8.56 14.31
N GLN B 13 19.75 -9.06 14.19
CA GLN B 13 19.00 -8.88 12.95
C GLN B 13 18.66 -7.41 12.76
N ALA B 14 18.73 -6.93 11.53
CA ALA B 14 18.28 -5.59 11.19
C ALA B 14 16.76 -5.49 11.32
N GLY B 15 16.25 -4.27 11.28
CA GLY B 15 14.81 -4.01 11.30
C GLY B 15 14.18 -3.94 12.67
N ILE B 16 14.98 -3.84 13.74
CA ILE B 16 14.49 -3.88 15.09
C ILE B 16 14.85 -2.56 15.75
N THR B 17 16.14 -2.32 15.97
CA THR B 17 16.60 -1.01 16.38
C THR B 17 16.99 -0.13 15.21
N THR B 18 16.98 -0.68 13.98
CA THR B 18 17.13 0.12 12.77
C THR B 18 16.10 1.22 12.75
N ALA B 19 16.49 2.38 12.22
CA ALA B 19 15.55 3.48 12.07
C ALA B 19 14.32 3.02 11.30
N HIS B 20 13.16 3.41 11.81
CA HIS B 20 11.87 3.05 11.24
C HIS B 20 11.74 3.50 9.79
N GLN B 21 11.57 2.56 8.87
CA GLN B 21 11.33 2.91 7.48
C GLN B 21 9.86 3.23 7.25
N THR B 22 9.55 3.67 6.02
CA THR B 22 8.19 4.13 5.75
C THR B 22 7.23 2.97 5.48
N TYR B 23 7.68 1.88 4.87
CA TYR B 23 6.77 0.84 4.43
C TYR B 23 7.16 -0.51 5.02
N VAL B 24 6.16 -1.36 5.24
CA VAL B 24 6.38 -2.71 5.76
C VAL B 24 5.50 -3.68 4.98
N TYR B 25 6.02 -4.88 4.77
CA TYR B 25 5.22 -6.05 4.44
C TYR B 25 5.48 -7.06 5.55
N PHE B 26 4.42 -7.67 6.06
CA PHE B 26 4.56 -8.57 7.18
C PHE B 26 3.87 -9.88 6.84
N ALA B 27 4.63 -10.95 6.79
CA ALA B 27 4.11 -12.22 6.31
C ALA B 27 4.32 -13.29 7.37
N ALA B 28 3.43 -14.25 7.41
CA ALA B 28 3.58 -15.41 8.25
C ALA B 28 3.47 -16.66 7.38
N LEU B 29 4.37 -17.61 7.62
CA LEU B 29 4.46 -18.84 6.85
C LEU B 29 4.33 -20.03 7.78
N ASP B 30 3.69 -21.08 7.27
CA ASP B 30 3.68 -22.39 7.92
C ASP B 30 4.61 -23.31 7.15
N VAL B 31 5.46 -24.04 7.87
CA VAL B 31 6.35 -25.04 7.27
C VAL B 31 5.53 -26.27 6.94
N THR B 32 5.54 -26.67 5.67
CA THR B 32 4.89 -27.91 5.26
C THR B 32 5.87 -29.02 4.97
N ALA B 33 7.15 -28.72 4.79
CA ALA B 33 8.16 -29.76 4.67
C ALA B 33 8.18 -30.58 5.95
N LYS B 34 8.58 -31.85 5.84
CA LYS B 34 8.60 -32.71 7.02
C LYS B 34 10.00 -33.04 7.51
N GLU B 35 11.04 -32.73 6.74
N GLU B 35 11.04 -32.74 6.73
CA GLU B 35 12.41 -33.08 7.10
CA GLU B 35 12.41 -33.06 7.11
C GLU B 35 13.18 -31.80 7.44
C GLU B 35 13.16 -31.78 7.46
N LYS B 36 13.91 -31.83 8.55
CA LYS B 36 14.69 -30.66 8.98
C LYS B 36 15.69 -30.20 7.93
N SER B 37 16.23 -31.12 7.12
CA SER B 37 17.20 -30.68 6.11
C SER B 37 16.58 -29.68 5.13
N ASP B 38 15.29 -29.80 4.83
CA ASP B 38 14.61 -28.82 3.97
C ASP B 38 14.53 -27.44 4.63
N ILE B 39 14.41 -27.41 5.97
CA ILE B 39 14.32 -26.13 6.66
C ILE B 39 15.67 -25.44 6.68
N ILE B 40 16.75 -26.22 6.81
CA ILE B 40 18.08 -25.63 6.82
C ILE B 40 18.39 -25.00 5.47
N THR B 41 18.10 -25.70 4.38
CA THR B 41 18.36 -25.13 3.07
C THR B 41 17.47 -23.90 2.84
N LEU B 42 16.22 -23.96 3.29
CA LEU B 42 15.36 -22.78 3.25
C LEU B 42 16.04 -21.59 3.91
N PHE B 43 16.54 -21.76 5.14
CA PHE B 43 17.13 -20.63 5.84
C PHE B 43 18.49 -20.24 5.25
N ARG B 44 19.26 -21.20 4.72
CA ARG B 44 20.51 -20.83 4.06
C ARG B 44 20.23 -19.99 2.82
N ASN B 45 19.27 -20.44 2.00
CA ASN B 45 18.90 -19.72 0.78
C ASN B 45 18.29 -18.35 1.10
N TRP B 46 17.46 -18.27 2.13
CA TRP B 46 16.93 -16.98 2.56
C TRP B 46 18.05 -16.05 3.00
N THR B 47 19.10 -16.60 3.62
CA THR B 47 20.21 -15.77 4.09
C THR B 47 20.96 -15.17 2.91
N SER B 48 21.30 -16.00 1.93
CA SER B 48 21.95 -15.50 0.72
C SER B 48 21.07 -14.50 -0.01
N LEU B 49 19.79 -14.82 -0.15
CA LEU B 49 18.93 -13.91 -0.90
C LEU B 49 18.72 -12.59 -0.15
N THR B 50 18.56 -12.64 1.16
CA THR B 50 18.40 -11.39 1.91
C THR B 50 19.67 -10.54 1.83
N GLN B 51 20.84 -11.19 1.89
N GLN B 51 20.84 -11.18 1.90
CA GLN B 51 22.10 -10.47 1.73
CA GLN B 51 22.08 -10.44 1.73
C GLN B 51 22.15 -9.76 0.38
C GLN B 51 22.12 -9.73 0.38
N MET B 52 21.69 -10.43 -0.68
CA MET B 52 21.63 -9.80 -2.00
C MET B 52 20.62 -8.67 -2.02
N LEU B 53 19.42 -8.92 -1.52
CA LEU B 53 18.34 -7.94 -1.60
C LEU B 53 18.71 -6.66 -0.87
N THR B 54 19.29 -6.78 0.32
CA THR B 54 19.54 -5.62 1.17
C THR B 54 20.77 -4.83 0.74
N SER B 55 21.76 -5.48 0.14
CA SER B 55 23.01 -4.80 -0.20
C SER B 55 22.93 -4.08 -1.53
N GLY B 56 21.79 -4.09 -2.18
CA GLY B 56 21.68 -3.60 -3.54
C GLY B 56 21.88 -4.72 -4.54
N LYS B 57 23.12 -4.86 -5.01
CA LYS B 57 23.53 -5.95 -5.91
C LYS B 57 22.52 -6.31 -6.98
N GLN B 63 23.35 -12.72 -18.54
CA GLN B 63 24.17 -13.83 -18.05
C GLN B 63 23.37 -15.14 -18.04
N ARG B 64 22.36 -15.20 -17.18
CA ARG B 64 21.48 -16.38 -17.16
C ARG B 64 20.74 -16.51 -18.48
N ASN B 65 20.43 -17.76 -18.83
CA ASN B 65 19.83 -18.05 -20.13
C ASN B 65 18.37 -17.63 -20.18
N GLN B 66 17.99 -17.01 -21.30
CA GLN B 66 16.64 -16.48 -21.49
C GLN B 66 15.56 -17.56 -21.56
N TYR B 67 15.92 -18.84 -21.72
CA TYR B 67 14.91 -19.88 -21.78
C TYR B 67 14.57 -20.43 -20.41
N LEU B 68 15.18 -19.91 -19.37
CA LEU B 68 14.89 -20.23 -17.99
C LEU B 68 14.11 -19.11 -17.35
N PRO B 69 13.36 -19.39 -16.29
CA PRO B 69 12.73 -18.31 -15.50
C PRO B 69 13.78 -17.36 -14.98
N PRO B 70 13.53 -16.05 -14.98
CA PRO B 70 14.44 -15.12 -14.29
C PRO B 70 14.58 -15.51 -12.83
N GLN B 71 15.80 -15.38 -12.29
CA GLN B 71 15.97 -15.69 -10.87
C GLN B 71 15.35 -14.61 -10.01
N ASP B 72 15.40 -13.37 -10.48
CA ASP B 72 14.80 -12.23 -9.81
C ASP B 72 13.62 -11.72 -10.65
N THR B 73 12.59 -11.19 -9.96
CA THR B 73 11.35 -10.85 -10.65
C THR B 73 11.42 -9.49 -11.35
N GLY B 74 12.39 -8.65 -11.03
CA GLY B 74 12.78 -7.55 -11.88
C GLY B 74 12.23 -6.18 -11.54
N GLU B 75 11.22 -6.07 -10.68
CA GLU B 75 10.54 -4.77 -10.56
C GLU B 75 11.26 -3.81 -9.63
N SER B 76 12.37 -4.21 -9.00
CA SER B 76 13.19 -3.26 -8.24
C SER B 76 14.49 -2.91 -8.94
N ALA B 77 14.62 -3.25 -10.23
CA ALA B 77 15.92 -3.18 -10.90
C ALA B 77 16.48 -1.77 -10.90
N ASP B 78 15.62 -0.75 -11.01
CA ASP B 78 16.08 0.62 -11.11
C ASP B 78 15.88 1.39 -9.80
N LEU B 79 15.59 0.69 -8.71
CA LEU B 79 15.29 1.33 -7.45
C LEU B 79 16.48 1.20 -6.50
N SER B 80 16.65 2.23 -5.67
CA SER B 80 17.61 2.18 -4.58
C SER B 80 17.22 1.09 -3.59
N PRO B 81 18.20 0.56 -2.84
CA PRO B 81 17.86 -0.44 -1.81
C PRO B 81 16.89 0.08 -0.77
N SER B 82 16.86 1.41 -0.54
CA SER B 82 15.81 2.07 0.24
C SER B 82 15.77 1.59 1.69
N ASN B 83 16.95 1.36 2.27
CA ASN B 83 17.09 0.93 3.67
C ASN B 83 16.28 -0.34 3.95
N LEU B 84 16.23 -1.23 2.95
CA LEU B 84 15.57 -2.51 3.12
C LEU B 84 16.16 -3.28 4.30
N THR B 85 15.28 -3.74 5.19
CA THR B 85 15.61 -4.72 6.21
C THR B 85 14.62 -5.87 6.15
N VAL B 86 15.10 -7.02 6.58
CA VAL B 86 14.32 -8.26 6.58
C VAL B 86 14.57 -8.93 7.92
N THR B 87 13.51 -9.16 8.69
CA THR B 87 13.59 -9.69 10.04
C THR B 87 12.80 -10.99 10.13
N PHE B 88 13.45 -12.04 10.64
CA PHE B 88 12.86 -13.37 10.71
C PHE B 88 12.50 -13.73 12.15
N GLY B 89 11.35 -14.39 12.33
CA GLY B 89 11.00 -14.89 13.64
C GLY B 89 10.32 -16.24 13.56
N PHE B 90 10.27 -16.91 14.71
CA PHE B 90 9.66 -18.24 14.84
C PHE B 90 8.53 -18.19 15.85
N GLY B 91 7.38 -18.72 15.46
CA GLY B 91 6.27 -18.90 16.37
C GLY B 91 6.38 -20.22 17.12
N PRO B 92 5.58 -20.38 18.19
CA PRO B 92 5.63 -21.63 18.95
C PRO B 92 5.42 -22.86 18.11
N SER B 93 4.57 -22.77 17.08
CA SER B 93 4.24 -23.92 16.26
C SER B 93 5.45 -24.44 15.49
N PHE B 94 6.49 -23.62 15.33
CA PHE B 94 7.72 -24.08 14.70
C PHE B 94 8.43 -25.15 15.52
N PHE B 95 8.17 -25.21 16.83
CA PHE B 95 8.85 -26.12 17.74
C PHE B 95 7.99 -27.31 18.15
N GLU B 96 6.69 -27.08 18.31
CA GLU B 96 5.73 -28.14 18.56
C GLU B 96 4.39 -27.70 18.01
N LYS B 97 3.76 -28.57 17.21
CA LYS B 97 2.39 -28.33 16.74
C LYS B 97 1.58 -29.60 16.97
N ASP B 98 0.44 -29.45 17.63
CA ASP B 98 -0.44 -30.57 17.99
C ASP B 98 0.33 -31.65 18.75
N GLY B 99 1.07 -31.22 19.77
CA GLY B 99 1.81 -32.12 20.62
C GLY B 99 3.12 -32.61 20.04
N LYS B 100 3.18 -32.72 18.71
CA LYS B 100 4.36 -33.27 18.05
C LYS B 100 5.55 -32.32 18.15
N ASP B 101 6.73 -32.89 18.40
CA ASP B 101 8.00 -32.18 18.18
C ASP B 101 8.38 -32.41 16.72
N ARG B 102 8.37 -31.34 15.94
CA ARG B 102 8.32 -31.51 14.50
C ARG B 102 9.69 -31.81 13.89
N PHE B 103 10.73 -31.11 14.33
CA PHE B 103 12.06 -31.25 13.75
C PHE B 103 13.12 -31.40 14.84
N GLY B 104 12.74 -32.00 15.97
CA GLY B 104 13.67 -32.20 17.06
C GLY B 104 14.11 -30.94 17.76
N LEU B 105 13.33 -29.87 17.66
CA LEU B 105 13.75 -28.56 18.14
C LEU B 105 13.15 -28.17 19.48
N LYS B 106 12.17 -28.93 19.99
CA LYS B 106 11.46 -28.48 21.19
C LYS B 106 12.41 -28.30 22.37
N SER B 107 13.48 -29.10 22.42
CA SER B 107 14.49 -28.91 23.47
C SER B 107 15.18 -27.55 23.37
N LYS B 108 15.08 -26.88 22.22
CA LYS B 108 15.63 -25.54 22.06
C LYS B 108 14.54 -24.47 21.98
N LYS B 109 13.34 -24.77 22.42
CA LYS B 109 12.25 -23.80 22.38
C LYS B 109 12.61 -22.59 23.25
N PRO B 110 12.22 -21.39 22.87
CA PRO B 110 12.42 -20.23 23.74
C PRO B 110 11.56 -20.33 24.99
N LYS B 111 11.99 -19.62 26.03
CA LYS B 111 11.38 -19.77 27.35
C LYS B 111 10.12 -18.92 27.55
N HIS B 112 9.81 -17.99 26.65
CA HIS B 112 8.67 -17.12 26.85
C HIS B 112 7.79 -17.07 25.59
N LEU B 113 7.84 -18.13 24.79
CA LEU B 113 7.16 -18.18 23.49
C LEU B 113 5.86 -18.97 23.65
N ALA B 114 4.85 -18.31 24.18
CA ALA B 114 3.50 -18.83 24.23
C ALA B 114 2.57 -17.78 23.65
N ALA B 115 1.60 -18.22 22.85
CA ALA B 115 0.63 -17.30 22.27
C ALA B 115 0.01 -16.43 23.35
N LEU B 116 -0.21 -15.16 23.02
CA LEU B 116 -0.63 -14.17 24.01
C LEU B 116 -2.03 -14.50 24.53
N PRO B 117 -2.27 -14.46 25.85
CA PRO B 117 -3.57 -14.87 26.38
C PRO B 117 -4.69 -13.92 25.97
N ALA B 118 -5.88 -14.49 25.84
CA ALA B 118 -7.08 -13.72 25.53
C ALA B 118 -7.45 -12.80 26.68
N LEU B 124 -10.22 -12.67 18.44
CA LEU B 124 -9.02 -12.83 17.62
C LEU B 124 -9.29 -13.73 16.41
N ASP B 125 -8.85 -13.29 15.23
CA ASP B 125 -8.89 -14.12 14.03
C ASP B 125 -7.60 -14.94 13.99
N GLU B 126 -7.74 -16.27 13.91
CA GLU B 126 -6.58 -17.16 13.93
C GLU B 126 -5.86 -17.20 12.58
N LYS B 127 -6.60 -17.05 11.47
CA LYS B 127 -5.98 -16.84 10.17
C LYS B 127 -5.22 -15.53 10.09
N GLN B 128 -5.41 -14.63 11.06
CA GLN B 128 -4.76 -13.33 11.10
C GLN B 128 -3.69 -13.26 12.18
N GLY B 129 -3.23 -14.40 12.70
CA GLY B 129 -2.13 -14.47 13.64
C GLY B 129 -1.39 -15.79 13.48
N GLY B 130 -0.52 -16.13 14.45
CA GLY B 130 0.17 -17.42 14.43
C GLY B 130 1.20 -17.55 13.32
N GLY B 131 1.45 -18.79 12.93
CA GLY B 131 2.41 -19.15 11.90
C GLY B 131 3.71 -19.67 12.48
N ASP B 132 4.40 -20.53 11.71
CA ASP B 132 5.69 -21.05 12.15
C ASP B 132 6.78 -20.00 12.02
N ILE B 133 6.71 -19.18 10.98
CA ILE B 133 7.76 -18.23 10.65
C ILE B 133 7.09 -16.90 10.32
N CYS B 134 7.68 -15.81 10.77
CA CYS B 134 7.26 -14.50 10.31
C CYS B 134 8.43 -13.86 9.56
N ILE B 135 8.10 -13.06 8.56
CA ILE B 135 9.09 -12.24 7.88
C ILE B 135 8.57 -10.81 7.89
N GLN B 136 9.36 -9.90 8.46
CA GLN B 136 9.05 -8.48 8.44
C GLN B 136 10.00 -7.79 7.47
N VAL B 137 9.45 -7.16 6.44
CA VAL B 137 10.22 -6.55 5.36
C VAL B 137 9.92 -5.05 5.36
N CYS B 138 10.94 -4.24 5.61
CA CYS B 138 10.75 -2.81 5.72
C CYS B 138 11.65 -2.07 4.73
N ALA B 139 11.10 -1.02 4.12
CA ALA B 139 11.87 -0.20 3.20
C ALA B 139 11.19 1.15 3.09
N ASP B 140 11.96 2.12 2.62
CA ASP B 140 11.42 3.45 2.42
C ASP B 140 10.62 3.57 1.13
N ASP B 141 10.53 2.48 0.36
CA ASP B 141 9.75 2.47 -0.86
C ASP B 141 8.91 1.20 -0.88
N GLU B 142 7.60 1.33 -1.13
CA GLU B 142 6.73 0.16 -1.05
C GLU B 142 7.08 -0.89 -2.09
N GLN B 143 7.42 -0.46 -3.31
CA GLN B 143 7.75 -1.42 -4.36
C GLN B 143 9.00 -2.23 -4.01
N VAL B 144 9.98 -1.59 -3.36
CA VAL B 144 11.17 -2.29 -2.92
C VAL B 144 10.82 -3.37 -1.91
N ALA B 145 9.90 -3.06 -1.00
CA ALA B 145 9.56 -3.99 0.07
C ALA B 145 8.75 -5.16 -0.46
N PHE B 146 7.80 -4.90 -1.34
CA PHE B 146 7.08 -6.02 -1.96
C PHE B 146 8.02 -6.92 -2.75
N HIS B 147 8.92 -6.31 -3.52
CA HIS B 147 9.89 -7.10 -4.30
C HIS B 147 10.70 -8.03 -3.40
N ALA B 148 11.15 -7.51 -2.25
CA ALA B 148 11.92 -8.35 -1.33
C ALA B 148 11.07 -9.51 -0.82
N LEU B 149 9.88 -9.21 -0.32
CA LEU B 149 9.02 -10.27 0.21
C LEU B 149 8.66 -11.29 -0.86
N ARG B 150 8.30 -10.81 -2.05
CA ARG B 150 7.91 -11.69 -3.15
C ARG B 150 9.01 -12.69 -3.49
N ASN B 151 10.24 -12.21 -3.61
CA ASN B 151 11.33 -13.10 -3.97
C ASN B 151 11.68 -14.04 -2.82
N LEU B 152 11.53 -13.57 -1.57
CA LEU B 152 11.74 -14.47 -0.44
C LEU B 152 10.68 -15.57 -0.43
N LEU B 153 9.43 -15.19 -0.68
CA LEU B 153 8.34 -16.17 -0.65
C LEU B 153 8.47 -17.15 -1.80
N ASN B 154 8.90 -16.68 -2.98
CA ASN B 154 9.13 -17.59 -4.10
C ASN B 154 10.16 -18.66 -3.73
N GLN B 155 11.18 -18.28 -2.97
CA GLN B 155 12.19 -19.25 -2.58
C GLN B 155 11.61 -20.32 -1.66
N ALA B 156 10.55 -20.01 -0.92
CA ALA B 156 9.99 -20.92 0.08
C ALA B 156 8.91 -21.86 -0.48
N VAL B 157 8.50 -21.72 -1.73
CA VAL B 157 7.49 -22.63 -2.26
C VAL B 157 8.04 -24.06 -2.25
N GLY B 158 7.18 -25.01 -1.93
CA GLY B 158 7.57 -26.39 -1.74
C GLY B 158 7.95 -26.76 -0.32
N THR B 159 8.34 -25.78 0.49
CA THR B 159 8.71 -26.00 1.88
C THR B 159 7.79 -25.28 2.86
N CYS B 160 7.20 -24.15 2.44
CA CYS B 160 6.28 -23.39 3.27
C CYS B 160 5.08 -22.96 2.45
N GLU B 161 4.00 -22.69 3.15
CA GLU B 161 2.85 -22.02 2.58
C GLU B 161 2.68 -20.69 3.30
N VAL B 162 2.22 -19.69 2.57
CA VAL B 162 2.03 -18.38 3.17
C VAL B 162 0.68 -18.36 3.87
N ARG B 163 0.67 -17.89 5.11
CA ARG B 163 -0.49 -17.86 5.98
C ARG B 163 -1.26 -16.54 5.84
N PHE B 164 -0.54 -15.42 5.84
CA PHE B 164 -1.14 -14.13 5.53
C PHE B 164 -0.02 -13.17 5.16
N VAL B 165 -0.41 -12.09 4.48
CA VAL B 165 0.46 -10.97 4.16
C VAL B 165 -0.29 -9.71 4.52
N ASN B 166 0.24 -8.95 5.46
CA ASN B 166 -0.25 -7.60 5.70
C ASN B 166 0.83 -6.62 5.22
N LYS B 167 0.41 -5.40 4.90
CA LYS B 167 1.38 -4.36 4.58
C LYS B 167 0.95 -3.08 5.24
N GLY B 168 1.87 -2.13 5.35
CA GLY B 168 1.53 -0.91 6.03
C GLY B 168 2.52 0.19 5.73
N PHE B 169 2.29 1.33 6.39
CA PHE B 169 3.05 2.54 6.10
C PHE B 169 3.06 3.43 7.34
N LEU B 170 4.09 4.27 7.43
CA LEU B 170 4.18 5.24 8.53
C LEU B 170 5.20 6.30 8.12
N SER B 171 4.73 7.49 7.79
CA SER B 171 5.60 8.56 7.30
C SER B 171 5.96 9.49 8.44
N GLY B 172 7.26 9.60 8.74
CA GLY B 172 7.71 10.59 9.69
C GLY B 172 7.81 11.97 9.06
N GLY B 173 7.85 12.98 9.92
CA GLY B 173 7.96 14.34 9.44
C GLY B 173 9.25 14.56 8.67
N LYS B 174 9.21 15.56 7.78
CA LYS B 174 10.43 15.94 7.07
C LYS B 174 11.48 16.51 8.02
N ASN B 175 11.03 17.15 9.11
CA ASN B 175 11.92 17.76 10.09
C ASN B 175 12.32 16.80 11.20
N GLY B 176 12.38 15.50 10.93
CA GLY B 176 12.66 14.52 11.97
C GLY B 176 11.60 14.41 13.05
N GLU B 177 10.41 14.94 12.82
CA GLU B 177 9.35 14.87 13.81
C GLU B 177 8.89 13.42 14.01
N THR B 178 8.34 13.14 15.18
CA THR B 178 7.85 11.80 15.49
C THR B 178 6.68 11.47 14.57
N PRO B 179 6.65 10.27 13.98
CA PRO B 179 5.59 9.97 13.01
C PRO B 179 4.23 9.91 13.67
N ARG B 180 3.21 10.24 12.89
CA ARG B 180 1.83 10.28 13.37
C ARG B 180 1.06 9.09 12.83
N ASN B 181 0.35 8.41 13.72
CA ASN B 181 -0.54 7.33 13.34
C ASN B 181 -1.81 7.92 12.72
N LEU B 182 -2.75 7.03 12.37
CA LEU B 182 -3.93 7.48 11.63
C LEU B 182 -4.94 8.22 12.51
N PHE B 183 -4.79 8.19 13.84
CA PHE B 183 -5.58 9.09 14.67
C PHE B 183 -4.98 10.49 14.72
N GLY B 184 -3.82 10.68 14.11
CA GLY B 184 -3.21 11.98 14.00
C GLY B 184 -2.28 12.34 15.14
N PHE B 185 -2.00 11.38 16.04
CA PHE B 185 -1.13 11.60 17.17
C PHE B 185 0.27 11.08 16.87
N LYS B 186 1.28 11.86 17.25
CA LYS B 186 2.64 11.35 17.28
C LYS B 186 2.67 10.01 18.00
N ASP B 187 3.46 9.09 17.44
CA ASP B 187 3.46 7.71 17.88
C ASP B 187 4.91 7.27 17.92
N GLY B 188 5.43 7.02 19.13
CA GLY B 188 6.81 6.61 19.30
C GLY B 188 7.54 7.35 20.42
N THR B 189 6.93 8.41 20.96
CA THR B 189 7.61 9.25 21.95
C THR B 189 8.11 8.44 23.14
N GLY B 190 7.29 7.52 23.65
CA GLY B 190 7.65 6.77 24.85
C GLY B 190 8.79 5.79 24.66
N ASN B 191 9.18 5.50 23.42
CA ASN B 191 10.32 4.63 23.16
C ASN B 191 11.59 5.29 23.67
N GLN B 192 12.52 4.47 24.15
CA GLN B 192 13.88 4.94 24.38
C GLN B 192 14.62 5.10 23.05
N SER B 193 15.74 5.80 23.10
CA SER B 193 16.53 6.01 21.90
C SER B 193 17.10 4.67 21.43
N THR B 194 16.76 4.31 20.19
CA THR B 194 17.27 3.09 19.59
C THR B 194 18.78 3.14 19.36
N GLU B 195 19.39 4.31 19.49
CA GLU B 195 20.85 4.45 19.43
C GLU B 195 21.52 4.30 20.79
N ASP B 196 20.75 4.21 21.87
CA ASP B 196 21.30 4.02 23.22
C ASP B 196 21.52 2.53 23.42
N ASP B 197 22.76 2.08 23.19
CA ASP B 197 23.05 0.66 23.18
C ASP B 197 22.69 0.00 24.51
N SER B 198 22.97 0.68 25.62
CA SER B 198 22.71 0.07 26.93
C SER B 198 21.21 -0.07 27.18
N LEU B 199 20.41 0.92 26.77
CA LEU B 199 18.98 0.85 26.97
C LEU B 199 18.35 -0.20 26.07
N MET B 200 18.82 -0.32 24.83
CA MET B 200 18.31 -1.38 23.97
C MET B 200 18.74 -2.75 24.46
N ASN B 201 19.94 -2.87 25.03
CA ASN B 201 20.33 -4.10 25.70
C ASN B 201 19.37 -4.44 26.84
N SER B 202 18.94 -3.43 27.60
CA SER B 202 18.07 -3.68 28.75
C SER B 202 16.63 -3.99 28.34
N ILE B 203 16.15 -3.41 27.24
CA ILE B 203 14.76 -3.52 26.87
C ILE B 203 14.52 -4.57 25.79
N VAL B 204 15.37 -4.59 24.76
CA VAL B 204 15.10 -5.37 23.54
C VAL B 204 15.89 -6.67 23.50
N TRP B 205 17.21 -6.61 23.67
CA TRP B 205 18.10 -7.70 23.28
C TRP B 205 18.26 -8.76 24.36
N VAL B 206 18.12 -10.02 23.95
CA VAL B 206 18.26 -11.16 24.85
C VAL B 206 19.74 -11.50 25.00
N GLN B 207 20.20 -11.57 26.24
CA GLN B 207 21.55 -12.06 26.49
C GLN B 207 21.59 -13.13 27.57
N SER B 208 20.46 -13.42 28.22
CA SER B 208 20.41 -14.44 29.26
C SER B 208 19.05 -15.12 29.27
N GLY B 209 19.02 -16.34 29.79
CA GLY B 209 17.77 -17.02 30.08
C GLY B 209 17.05 -17.64 28.92
N GLU B 210 17.72 -17.83 27.79
CA GLU B 210 17.11 -18.42 26.61
C GLU B 210 18.13 -19.34 25.97
N PRO B 211 17.68 -20.27 25.12
CA PRO B 211 18.63 -21.04 24.32
C PRO B 211 19.53 -20.12 23.52
N ASP B 212 20.76 -20.58 23.28
CA ASP B 212 21.83 -19.68 22.87
C ASP B 212 21.63 -19.14 21.45
N TRP B 213 20.81 -19.78 20.64
CA TRP B 213 20.49 -19.18 19.35
C TRP B 213 19.66 -17.92 19.52
N MET B 214 18.93 -17.79 20.63
CA MET B 214 18.17 -16.59 20.91
C MET B 214 19.03 -15.44 21.40
N THR B 215 20.29 -15.70 21.73
CA THR B 215 21.17 -14.65 22.23
C THR B 215 21.41 -13.60 21.15
N GLY B 216 21.29 -12.33 21.53
CA GLY B 216 21.31 -11.23 20.59
C GLY B 216 20.01 -11.05 19.83
N GLY B 217 19.01 -11.88 20.10
CA GLY B 217 17.71 -11.78 19.49
C GLY B 217 16.72 -11.10 20.42
N THR B 218 15.44 -11.34 20.16
CA THR B 218 14.37 -10.66 20.89
C THR B 218 13.06 -11.36 20.58
N TYR B 219 12.00 -10.92 21.24
CA TYR B 219 10.66 -11.40 20.95
C TYR B 219 9.90 -10.29 20.23
N MET B 220 9.17 -10.66 19.18
CA MET B 220 8.36 -9.71 18.43
C MET B 220 6.88 -9.96 18.72
N ALA B 221 6.18 -8.95 19.20
CA ALA B 221 4.74 -9.04 19.34
C ALA B 221 4.10 -8.36 18.15
N PHE B 222 3.14 -9.05 17.54
CA PHE B 222 2.38 -8.55 16.41
C PHE B 222 0.92 -8.48 16.81
N ARG B 223 0.32 -7.31 16.64
CA ARG B 223 -1.12 -7.17 16.88
C ARG B 223 -1.71 -6.34 15.76
N LYS B 224 -2.68 -6.91 15.05
CA LYS B 224 -3.41 -6.19 14.02
C LYS B 224 -4.61 -5.54 14.70
N ILE B 225 -4.58 -4.21 14.79
CA ILE B 225 -5.58 -3.47 15.57
C ILE B 225 -6.36 -2.58 14.62
N LYS B 226 -7.64 -2.89 14.44
CA LYS B 226 -8.52 -2.03 13.65
C LYS B 226 -8.76 -0.71 14.37
N MET B 227 -8.74 0.38 13.60
CA MET B 227 -8.96 1.72 14.14
C MET B 227 -10.22 2.32 13.50
N PHE B 228 -11.18 2.70 14.34
CA PHE B 228 -12.49 3.16 13.86
C PHE B 228 -12.39 4.64 13.50
N LEU B 229 -11.92 4.89 12.28
CA LEU B 229 -11.58 6.24 11.88
C LEU B 229 -12.81 7.13 11.79
N GLU B 230 -13.94 6.57 11.35
CA GLU B 230 -15.13 7.38 11.17
C GLU B 230 -15.61 7.95 12.50
N ILE B 231 -15.68 7.11 13.54
CA ILE B 231 -16.17 7.64 14.81
C ILE B 231 -15.12 8.54 15.45
N TRP B 232 -13.84 8.18 15.29
CA TRP B 232 -12.76 9.00 15.81
C TRP B 232 -12.79 10.40 15.23
N ASP B 233 -12.94 10.51 13.90
CA ASP B 233 -12.96 11.82 13.27
C ASP B 233 -14.17 12.65 13.67
N ARG B 234 -15.20 12.03 14.23
CA ARG B 234 -16.38 12.74 14.73
C ARG B 234 -16.32 12.98 16.23
N SER B 235 -15.22 12.63 16.89
CA SER B 235 -15.07 12.80 18.32
C SER B 235 -14.35 14.11 18.61
N SER B 236 -14.69 14.72 19.75
CA SER B 236 -14.11 16.00 20.12
C SER B 236 -12.60 15.90 20.25
N LEU B 237 -11.92 17.02 20.00
CA LEU B 237 -10.48 17.07 20.24
C LEU B 237 -10.16 16.77 21.70
N LYS B 238 -11.03 17.17 22.64
CA LYS B 238 -10.76 16.88 24.04
C LYS B 238 -10.90 15.39 24.32
N ASP B 239 -11.85 14.73 23.66
CA ASP B 239 -12.01 13.29 23.84
C ASP B 239 -10.83 12.53 23.25
N GLN B 240 -10.33 12.99 22.10
CA GLN B 240 -9.16 12.39 21.48
C GLN B 240 -7.95 12.51 22.38
N GLU B 241 -7.71 13.70 22.94
CA GLU B 241 -6.56 13.84 23.82
C GLU B 241 -6.73 13.05 25.11
N ASP B 242 -7.91 13.12 25.73
CA ASP B 242 -8.15 12.37 26.96
C ASP B 242 -7.92 10.87 26.76
N THR B 243 -8.09 10.38 25.53
CA THR B 243 -7.83 8.97 25.24
C THR B 243 -6.37 8.62 25.49
N PHE B 244 -5.45 9.53 25.14
CA PHE B 244 -4.03 9.25 25.22
C PHE B 244 -3.34 9.91 26.41
N GLY B 245 -3.82 11.06 26.85
CA GLY B 245 -3.07 11.79 27.86
C GLY B 245 -1.95 12.62 27.29
N ARG B 246 -1.99 12.93 26.00
CA ARG B 246 -1.05 13.84 25.39
C ARG B 246 -1.80 14.78 24.46
N ARG B 247 -1.29 16.00 24.31
CA ARG B 247 -1.91 16.96 23.42
C ARG B 247 -1.64 16.57 21.96
N LYS B 248 -2.59 16.87 21.08
CA LYS B 248 -2.54 16.28 19.75
C LYS B 248 -1.43 16.87 18.90
N SER B 249 -1.35 18.20 18.81
CA SER B 249 -0.38 18.82 17.92
C SER B 249 1.05 18.69 18.47
N SER B 250 1.25 19.06 19.74
CA SER B 250 2.59 19.03 20.30
C SER B 250 3.01 17.64 20.74
N GLY B 251 2.08 16.76 21.04
CA GLY B 251 2.46 15.48 21.62
C GLY B 251 2.91 15.55 23.06
N ALA B 252 2.77 16.70 23.70
CA ALA B 252 3.24 16.86 25.07
C ALA B 252 2.32 16.15 26.05
N PRO B 253 2.87 15.59 27.13
CA PRO B 253 2.01 15.12 28.22
C PRO B 253 1.21 16.29 28.78
N PHE B 254 0.02 15.99 29.29
CA PHE B 254 -0.81 17.04 29.88
C PHE B 254 -0.03 17.79 30.95
N GLY B 255 -0.16 19.11 30.94
CA GLY B 255 0.52 19.95 31.91
C GLY B 255 1.98 20.24 31.60
N GLN B 256 2.53 19.69 30.53
CA GLN B 256 3.91 19.92 30.15
C GLN B 256 3.97 20.68 28.83
N LYS B 257 5.13 21.27 28.57
CA LYS B 257 5.27 22.09 27.37
C LYS B 257 5.60 21.23 26.14
N LYS B 258 6.56 20.32 26.28
CA LYS B 258 7.18 19.68 25.12
C LYS B 258 6.82 18.20 25.02
N GLU B 259 6.87 17.68 23.79
CA GLU B 259 6.68 16.25 23.57
C GLU B 259 7.62 15.43 24.45
N THR B 260 8.88 15.86 24.54
CA THR B 260 9.90 15.12 25.27
C THR B 260 9.86 15.36 26.77
N ASP B 261 8.93 16.17 27.27
CA ASP B 261 8.82 16.35 28.72
C ASP B 261 8.32 15.07 29.37
N PRO B 262 8.77 14.78 30.60
CA PRO B 262 8.32 13.56 31.26
C PRO B 262 6.81 13.57 31.47
N VAL B 263 6.25 12.37 31.56
CA VAL B 263 4.81 12.19 31.75
C VAL B 263 4.53 12.26 33.25
N LYS B 264 3.79 13.30 33.67
CA LYS B 264 3.33 13.41 35.04
C LYS B 264 1.97 12.71 35.14
N LEU B 265 1.96 11.54 35.77
CA LEU B 265 0.76 10.71 35.74
C LEU B 265 -0.41 11.32 36.48
N ASN B 266 -0.16 12.22 37.44
CA ASN B 266 -1.25 12.88 38.14
C ASN B 266 -2.00 13.86 37.26
N GLN B 267 -1.41 14.25 36.13
CA GLN B 267 -2.01 15.24 35.25
C GLN B 267 -2.80 14.63 34.09
N ILE B 268 -2.86 13.29 34.00
CA ILE B 268 -3.57 12.65 32.90
C ILE B 268 -4.55 11.60 33.44
N PRO B 269 -5.65 11.35 32.74
CA PRO B 269 -6.65 10.39 33.22
C PRO B 269 -6.04 9.03 33.54
N SER B 270 -6.52 8.42 34.62
CA SER B 270 -6.05 7.10 35.01
C SER B 270 -6.34 6.05 33.95
N ASN B 271 -7.35 6.26 33.10
CA ASN B 271 -7.70 5.31 32.06
C ASN B 271 -7.17 5.72 30.70
N SER B 272 -6.32 6.73 30.63
CA SER B 272 -5.73 7.09 29.35
C SER B 272 -4.69 6.05 28.93
N HIS B 273 -4.51 5.93 27.62
CA HIS B 273 -3.60 4.95 27.08
C HIS B 273 -2.21 5.09 27.69
N VAL B 274 -1.70 6.33 27.71
CA VAL B 274 -0.33 6.54 28.17
C VAL B 274 -0.21 6.21 29.65
N SER B 275 -1.20 6.61 30.45
CA SER B 275 -1.13 6.31 31.88
C SER B 275 -1.12 4.81 32.12
N LEU B 276 -1.99 4.08 31.43
CA LEU B 276 -2.11 2.66 31.73
C LEU B 276 -0.85 1.90 31.34
N ALA B 277 -0.26 2.25 30.19
CA ALA B 277 0.94 1.54 29.74
C ALA B 277 2.14 1.90 30.61
N LYS B 278 2.35 3.19 30.85
CA LYS B 278 3.51 3.62 31.63
C LYS B 278 3.43 3.13 33.07
N SER B 279 2.25 3.20 33.70
CA SER B 279 2.13 2.81 35.10
C SER B 279 2.44 1.33 35.34
N THR B 280 2.60 0.53 34.29
CA THR B 280 3.05 -0.83 34.51
C THR B 280 4.47 -0.86 35.04
N GLY B 281 5.22 0.24 34.87
CA GLY B 281 6.64 0.25 35.14
C GLY B 281 7.47 -0.47 34.11
N LYS B 282 6.86 -1.09 33.11
CA LYS B 282 7.55 -1.86 32.10
C LYS B 282 7.76 -1.04 30.84
N GLN B 283 8.61 -1.55 29.96
CA GLN B 283 8.98 -0.84 28.73
C GLN B 283 9.20 -1.84 27.60
N ILE B 284 8.78 -1.44 26.39
CA ILE B 284 8.98 -2.19 25.15
C ILE B 284 9.50 -1.23 24.10
N LEU B 285 9.88 -1.78 22.94
CA LEU B 285 10.31 -0.98 21.80
C LEU B 285 9.25 -1.14 20.73
N ARG B 286 8.47 -0.10 20.50
CA ARG B 286 7.40 -0.15 19.54
C ARG B 286 7.88 0.29 18.17
N ARG B 287 7.45 -0.44 17.14
CA ARG B 287 7.90 -0.20 15.78
C ARG B 287 6.75 -0.47 14.81
N ALA B 288 5.62 0.18 15.08
CA ALA B 288 4.37 -0.09 14.39
C ALA B 288 4.27 0.62 13.03
N PHE B 289 3.37 0.11 12.20
CA PHE B 289 3.00 0.76 10.95
C PHE B 289 1.48 0.88 10.86
N SER B 290 1.00 1.95 10.22
CA SER B 290 -0.41 2.09 9.90
C SER B 290 -0.78 1.19 8.73
N TYR B 291 -2.07 0.89 8.61
CA TYR B 291 -2.54 0.21 7.40
C TYR B 291 -3.93 0.70 7.00
N THR B 292 -4.24 0.54 5.72
CA THR B 292 -5.59 0.65 5.20
C THR B 292 -5.84 -0.57 4.33
N GLU B 293 -7.05 -1.18 4.41
CA GLU B 293 -7.37 -2.24 3.45
C GLU B 293 -8.85 -2.14 3.00
N GLY B 294 -9.11 -1.18 2.12
CA GLY B 294 -10.43 -1.05 1.52
C GLY B 294 -11.50 -0.68 2.53
N LEU B 295 -12.71 -1.13 2.25
CA LEU B 295 -13.88 -0.80 3.05
C LEU B 295 -14.23 -1.93 3.99
N ASP B 296 -14.74 -1.56 5.16
CA ASP B 296 -15.31 -2.53 6.08
C ASP B 296 -16.70 -2.90 5.61
N PRO B 297 -16.95 -4.16 5.20
CA PRO B 297 -18.28 -4.50 4.67
C PRO B 297 -19.39 -4.39 5.69
N LYS B 298 -19.12 -4.70 6.96
CA LYS B 298 -20.16 -4.60 7.98
C LYS B 298 -20.63 -3.17 8.18
N THR B 299 -19.80 -2.17 7.87
CA THR B 299 -20.18 -0.79 8.10
C THR B 299 -20.01 0.13 6.90
N GLY B 300 -19.33 -0.30 5.84
CA GLY B 300 -19.18 0.55 4.68
C GLY B 300 -18.20 1.70 4.84
N TYR B 301 -17.55 1.82 6.00
CA TYR B 301 -16.52 2.82 6.19
C TYR B 301 -15.14 2.20 5.94
N MET B 302 -14.12 3.05 6.01
N MET B 302 -14.11 3.04 6.00
CA MET B 302 -12.76 2.63 5.70
CA MET B 302 -12.76 2.60 5.69
C MET B 302 -12.26 1.58 6.71
C MET B 302 -12.27 1.58 6.70
N ASP B 303 -11.69 0.49 6.20
CA ASP B 303 -11.01 -0.49 7.03
C ASP B 303 -9.56 -0.05 7.15
N ALA B 304 -9.15 0.38 8.33
CA ALA B 304 -7.81 0.86 8.56
C ALA B 304 -7.42 0.52 9.98
N GLY B 305 -6.13 0.63 10.27
CA GLY B 305 -5.70 0.34 11.62
C GLY B 305 -4.21 0.50 11.80
N LEU B 306 -3.73 -0.18 12.83
CA LEU B 306 -2.32 -0.18 13.16
C LEU B 306 -1.82 -1.60 13.08
N LEU B 307 -0.73 -1.82 12.33
CA LEU B 307 0.03 -3.06 12.47
C LEU B 307 0.98 -2.85 13.65
N PHE B 308 0.52 -3.24 14.84
CA PHE B 308 1.29 -3.00 16.06
C PHE B 308 2.38 -4.05 16.12
N ILE B 309 3.64 -3.60 16.14
CA ILE B 309 4.81 -4.46 16.26
C ILE B 309 5.66 -3.89 17.39
N SER B 310 5.95 -4.73 18.39
CA SER B 310 6.87 -4.36 19.46
C SER B 310 7.92 -5.44 19.67
N PHE B 311 9.07 -5.03 20.19
CA PHE B 311 10.18 -5.91 20.51
C PHE B 311 10.51 -5.79 21.99
N GLN B 312 10.70 -6.94 22.64
CA GLN B 312 10.96 -6.99 24.07
C GLN B 312 11.73 -8.27 24.35
N LYS B 313 12.70 -8.18 25.26
CA LYS B 313 13.54 -9.33 25.56
C LYS B 313 12.78 -10.39 26.34
N ASN B 314 11.80 -9.99 27.15
CA ASN B 314 10.95 -10.92 27.89
C ASN B 314 9.51 -10.41 27.82
N PRO B 315 8.69 -10.97 26.93
CA PRO B 315 7.28 -10.52 26.85
C PRO B 315 6.49 -10.80 28.11
N ASP B 316 6.82 -11.88 28.83
CA ASP B 316 6.10 -12.19 30.07
C ASP B 316 6.26 -11.08 31.10
N ASN B 317 7.46 -10.50 31.16
CA ASN B 317 7.73 -9.43 32.12
C ASN B 317 7.31 -8.06 31.61
N GLN B 318 7.49 -7.78 30.31
CA GLN B 318 7.37 -6.40 29.83
C GLN B 318 6.10 -6.11 29.03
N PHE B 319 5.53 -7.11 28.36
CA PHE B 319 4.45 -6.90 27.41
C PHE B 319 3.11 -7.37 27.93
N ILE B 320 3.04 -8.60 28.44
CA ILE B 320 1.78 -9.11 28.98
C ILE B 320 1.24 -8.22 30.10
N PRO B 321 2.07 -7.65 30.99
CA PRO B 321 1.51 -6.67 31.94
C PRO B 321 0.82 -5.49 31.27
N MET B 322 1.36 -5.02 30.14
CA MET B 322 0.70 -3.94 29.41
C MET B 322 -0.63 -4.39 28.81
N LEU B 323 -0.63 -5.55 28.16
CA LEU B 323 -1.85 -6.11 27.61
C LEU B 323 -2.94 -6.22 28.67
N LYS B 324 -2.57 -6.67 29.87
CA LYS B 324 -3.54 -6.80 30.95
C LYS B 324 -4.13 -5.45 31.33
N ALA B 325 -3.27 -4.47 31.60
CA ALA B 325 -3.75 -3.17 32.07
C ALA B 325 -4.62 -2.50 31.03
N LEU B 326 -4.27 -2.64 29.75
CA LEU B 326 -5.00 -1.94 28.70
C LEU B 326 -6.31 -2.64 28.35
N SER B 327 -6.30 -3.99 28.36
CA SER B 327 -7.48 -4.73 27.90
C SER B 327 -8.69 -4.44 28.76
N ALA B 328 -8.49 -4.15 30.04
CA ALA B 328 -9.62 -3.89 30.93
C ALA B 328 -10.08 -2.44 30.90
N LYS B 329 -9.15 -1.48 30.87
CA LYS B 329 -9.49 -0.10 31.20
C LYS B 329 -9.11 0.95 30.14
N ASP B 330 -8.39 0.58 29.08
CA ASP B 330 -7.92 1.57 28.12
C ASP B 330 -9.07 2.30 27.45
N ALA B 331 -9.05 3.64 27.53
CA ALA B 331 -9.98 4.45 26.76
C ALA B 331 -9.82 4.23 25.25
N LEU B 332 -8.63 3.80 24.81
CA LEU B 332 -8.44 3.54 23.39
C LEU B 332 -9.27 2.37 22.89
N ASN B 333 -9.68 1.47 23.78
CA ASN B 333 -10.52 0.34 23.35
C ASN B 333 -11.83 0.82 22.77
N GLU B 334 -12.26 2.04 23.10
CA GLU B 334 -13.49 2.57 22.54
C GLU B 334 -13.38 2.79 21.04
N TYR B 335 -12.17 2.99 20.52
CA TYR B 335 -11.96 3.36 19.12
C TYR B 335 -11.17 2.32 18.35
N THR B 336 -10.87 1.18 18.96
CA THR B 336 -10.02 0.16 18.38
C THR B 336 -10.60 -1.22 18.65
N GLN B 337 -10.15 -2.19 17.87
CA GLN B 337 -10.52 -3.57 18.09
C GLN B 337 -9.39 -4.44 17.57
N THR B 338 -8.87 -5.34 18.41
CA THR B 338 -7.76 -6.18 18.00
C THR B 338 -8.27 -7.35 17.16
N ILE B 339 -7.71 -7.48 15.96
CA ILE B 339 -8.21 -8.44 14.98
C ILE B 339 -7.35 -9.69 14.89
N GLY B 340 -6.05 -9.58 15.15
CA GLY B 340 -5.15 -10.71 15.09
C GLY B 340 -4.00 -10.46 16.04
N SER B 341 -3.33 -11.54 16.40
CA SER B 341 -2.28 -11.47 17.40
C SER B 341 -1.30 -12.61 17.20
N ALA B 342 -0.02 -12.34 17.42
CA ALA B 342 0.99 -13.40 17.35
C ALA B 342 2.23 -12.94 18.11
N LEU B 343 3.01 -13.92 18.56
CA LEU B 343 4.28 -13.66 19.21
C LEU B 343 5.33 -14.55 18.54
N TYR B 344 6.45 -13.94 18.16
CA TYR B 344 7.51 -14.66 17.47
C TYR B 344 8.83 -14.46 18.19
N ALA B 345 9.67 -15.49 18.16
CA ALA B 345 11.01 -15.40 18.71
C ALA B 345 11.97 -15.13 17.57
N CYS B 346 12.65 -13.99 17.62
CA CYS B 346 13.58 -13.61 16.56
C CYS B 346 14.98 -14.06 16.93
N PRO B 347 15.65 -14.85 16.09
CA PRO B 347 17.05 -15.24 16.35
C PRO B 347 17.94 -14.01 16.47
N GLY B 348 19.08 -14.21 17.14
CA GLY B 348 20.10 -13.19 17.10
C GLY B 348 20.61 -12.96 15.69
N GLY B 349 21.52 -12.02 15.52
CA GLY B 349 22.05 -11.70 14.21
C GLY B 349 22.83 -12.86 13.58
N CYS B 350 23.06 -12.71 12.30
CA CYS B 350 23.75 -13.67 11.47
C CYS B 350 25.14 -13.14 11.15
N LYS B 351 26.16 -13.95 11.40
CA LYS B 351 27.50 -13.59 10.98
C LYS B 351 27.71 -13.97 9.53
N LYS B 352 28.42 -13.14 8.79
CA LYS B 352 28.77 -13.52 7.42
C LYS B 352 29.49 -14.86 7.44
N GLY B 353 29.13 -15.73 6.51
CA GLY B 353 29.54 -17.12 6.53
C GLY B 353 28.54 -18.07 7.14
N GLU B 354 27.62 -17.58 7.98
CA GLU B 354 26.60 -18.39 8.62
C GLU B 354 25.23 -18.11 8.00
N TYR B 355 24.19 -18.72 8.57
CA TYR B 355 22.83 -18.52 8.09
C TYR B 355 21.88 -18.29 9.26
N ILE B 356 20.78 -17.60 8.96
CA ILE B 356 19.79 -17.23 9.99
C ILE B 356 19.31 -18.47 10.71
N ALA B 357 19.42 -18.46 12.04
CA ALA B 357 18.96 -19.53 12.93
C ALA B 357 19.82 -20.79 12.84
N GLN B 358 21.03 -20.68 12.26
CA GLN B 358 21.94 -21.83 12.21
C GLN B 358 22.10 -22.48 13.58
N ARG B 359 22.33 -21.68 14.61
CA ARG B 359 22.52 -22.23 15.95
C ARG B 359 21.30 -23.01 16.42
N LEU B 360 20.11 -22.66 15.93
CA LEU B 360 18.92 -23.42 16.32
C LEU B 360 18.81 -24.71 15.51
N LEU B 361 19.11 -24.65 14.22
CA LEU B 361 18.82 -25.72 13.31
C LEU B 361 19.95 -26.73 13.21
N GLU B 362 21.19 -26.31 13.43
CA GLU B 362 22.32 -27.21 13.32
C GLU B 362 22.34 -28.23 14.47
N SER B 363 22.09 -27.77 15.70
CA SER B 363 22.17 -28.57 16.92
C SER B 363 23.47 -29.38 17.02
#